data_8VYT
#
_entry.id   8VYT
#
_cell.length_a   53.394
_cell.length_b   58.696
_cell.length_c   93.356
_cell.angle_alpha   86.88
_cell.angle_beta   74.94
_cell.angle_gamma   63.05
#
_symmetry.space_group_name_H-M   'P 1'
#
loop_
_entity.id
_entity.type
_entity.pdbx_description
1 polymer 'Estrogen receptor'
2 non-polymer "4,4'-[(1R,4R,5S)-5-(2,3-dihydro-1H-indole-1-sulfonyl)-7-oxabicyclo[2.2.1]hept-2-ene-2,3-diyl]diphenol"
3 water water
#
_entity_poly.entity_id   1
_entity_poly.type   'polypeptide(L)'
_entity_poly.pdbx_seq_one_letter_code
;SLALSLTADQMVSALLDAEPPILYSEYDPTRPFSEASMMGLLTNLADRELVHMINWAKRVPGFVDLTSHDQVHLLECAWL
EILMIGLVWRSMEHPGKLLFAPNLLLDRNQGKCVEGMVEIFDMLLATSSRFRMMNLQGEEFVCLKSIILLNSGVYTFLSS
TLKSLEEKDHIHRVLDKITDTLIHLMAKAGLTLQQQHQRLAQLLLILSHIRHMSNKGMEHLYSMKCKNVVPSYDLLLEML
DAH
;
_entity_poly.pdbx_strand_id   A,B,C,D
#
loop_
_chem_comp.id
_chem_comp.type
_chem_comp.name
_chem_comp.formula
A1AHV non-polymer 4,4'-[(1R,4R,5S)-5-(2,3-dihydro-1H-indole-1-sulfonyl)-7-oxabicyclo[2.2.1]hept-2-ene-2,3-diyl]diphenol 'C26 H23 N O5 S'
#
# COMPACT_ATOMS: atom_id res chain seq x y z
N SER A 1 -29.72 -5.01 17.77
CA SER A 1 -30.11 -4.15 16.65
C SER A 1 -29.17 -2.94 16.52
N LEU A 2 -27.99 -3.04 17.14
CA LEU A 2 -26.96 -2.01 17.06
C LEU A 2 -25.81 -2.42 16.14
N ALA A 3 -25.95 -3.51 15.38
CA ALA A 3 -24.91 -3.87 14.41
C ALA A 3 -24.62 -2.71 13.46
N LEU A 4 -25.66 -2.05 12.97
CA LEU A 4 -25.46 -0.90 12.10
C LEU A 4 -24.89 0.31 12.82
N SER A 5 -24.68 0.24 14.14
CA SER A 5 -24.09 1.33 14.88
C SER A 5 -22.59 1.20 15.05
N LEU A 6 -22.01 0.06 14.66
CA LEU A 6 -20.56 -0.13 14.81
C LEU A 6 -19.80 0.84 13.91
N THR A 7 -18.68 1.34 14.43
CA THR A 7 -17.75 2.03 13.56
C THR A 7 -17.01 1.02 12.69
N ALA A 8 -16.23 1.54 11.73
CA ALA A 8 -15.44 0.67 10.89
C ALA A 8 -14.41 -0.08 11.72
N ASP A 9 -13.76 0.61 12.65
CA ASP A 9 -12.72 -0.08 13.43
C ASP A 9 -13.32 -1.16 14.32
N GLN A 10 -14.52 -0.90 14.86
CA GLN A 10 -15.22 -1.88 15.69
C GLN A 10 -15.72 -3.05 14.87
N MET A 11 -16.04 -2.83 13.59
CA MET A 11 -16.43 -3.93 12.71
C MET A 11 -15.27 -4.88 12.46
N VAL A 12 -14.12 -4.33 12.09
CA VAL A 12 -12.94 -5.16 11.84
C VAL A 12 -12.57 -5.98 13.07
N SER A 13 -12.52 -5.34 14.25
CA SER A 13 -12.16 -6.04 15.48
C SER A 13 -13.14 -7.16 15.79
N ALA A 14 -14.44 -6.92 15.61
CA ALA A 14 -15.43 -7.98 15.78
C ALA A 14 -15.18 -9.15 14.83
N LEU A 15 -14.90 -8.86 13.57
CA LEU A 15 -14.69 -9.92 12.59
C LEU A 15 -13.40 -10.68 12.86
N LEU A 16 -12.31 -9.99 13.20
CA LEU A 16 -11.07 -10.68 13.52
C LEU A 16 -11.25 -11.58 14.73
N ASP A 17 -11.91 -11.05 15.77
CA ASP A 17 -12.16 -11.84 16.96
C ASP A 17 -13.01 -13.07 16.69
N ALA A 18 -13.91 -13.00 15.69
CA ALA A 18 -14.82 -14.10 15.35
C ALA A 18 -14.19 -15.24 14.55
N GLU A 19 -12.95 -15.09 14.11
CA GLU A 19 -12.37 -16.03 13.17
C GLU A 19 -12.40 -17.45 13.74
N PRO A 20 -12.72 -18.43 12.92
CA PRO A 20 -12.76 -19.82 13.40
C PRO A 20 -11.36 -20.41 13.50
N PRO A 21 -11.22 -21.53 14.21
CA PRO A 21 -9.91 -22.19 14.32
C PRO A 21 -9.46 -22.86 13.02
N ILE A 22 -8.16 -23.09 12.95
CA ILE A 22 -7.59 -23.95 11.92
C ILE A 22 -7.69 -25.39 12.42
N LEU A 23 -8.29 -26.26 11.61
CA LEU A 23 -8.44 -27.64 12.03
C LEU A 23 -7.44 -28.51 11.29
N TYR A 24 -7.25 -29.70 11.81
CA TYR A 24 -6.37 -30.66 11.18
C TYR A 24 -7.19 -31.73 10.47
N SER A 25 -6.60 -32.30 9.44
CA SER A 25 -7.10 -33.51 8.80
C SER A 25 -6.75 -34.77 9.63
N GLU A 26 -7.22 -35.94 9.19
CA GLU A 26 -6.78 -37.20 9.81
C GLU A 26 -5.27 -37.26 9.94
N TYR A 27 -4.79 -37.74 11.10
CA TYR A 27 -3.35 -37.70 11.35
C TYR A 27 -2.60 -38.64 10.39
N ASP A 28 -3.04 -39.88 10.28
CA ASP A 28 -2.35 -40.87 9.45
C ASP A 28 -3.35 -41.52 8.50
N PRO A 29 -3.64 -40.88 7.37
CA PRO A 29 -4.41 -41.56 6.33
C PRO A 29 -3.48 -42.42 5.49
N THR A 30 -4.01 -43.54 5.01
CA THR A 30 -3.22 -44.32 4.06
C THR A 30 -2.93 -43.45 2.85
N ARG A 31 -1.65 -43.37 2.47
CA ARG A 31 -1.29 -42.70 1.23
C ARG A 31 -0.45 -43.65 0.38
N PRO A 32 -0.56 -43.55 -0.95
CA PRO A 32 -1.35 -42.60 -1.74
C PRO A 32 -2.86 -42.79 -1.54
N PHE A 33 -3.62 -41.73 -1.80
CA PHE A 33 -5.06 -41.78 -1.66
C PHE A 33 -5.71 -42.47 -2.84
N SER A 34 -6.89 -43.02 -2.59
CA SER A 34 -7.82 -43.38 -3.66
C SER A 34 -8.83 -42.23 -3.82
N GLU A 35 -9.64 -42.33 -4.86
CA GLU A 35 -10.68 -41.33 -5.05
C GLU A 35 -11.61 -41.33 -3.85
N ALA A 36 -12.00 -42.54 -3.39
CA ALA A 36 -12.92 -42.65 -2.27
C ALA A 36 -12.31 -42.12 -0.97
N SER A 37 -11.03 -42.40 -0.74
CA SER A 37 -10.41 -42.04 0.53
C SER A 37 -10.06 -40.56 0.59
N MET A 38 -9.70 -39.95 -0.54
CA MET A 38 -9.47 -38.52 -0.54
C MET A 38 -10.77 -37.79 -0.29
N MET A 39 -11.85 -38.19 -0.99
CA MET A 39 -13.14 -37.56 -0.74
C MET A 39 -13.58 -37.73 0.71
N GLY A 40 -13.34 -38.90 1.28
CA GLY A 40 -13.61 -39.12 2.69
C GLY A 40 -12.86 -38.19 3.62
N LEU A 41 -11.58 -37.97 3.35
CA LEU A 41 -10.83 -37.04 4.16
C LEU A 41 -11.37 -35.61 4.03
N LEU A 42 -11.65 -35.18 2.80
CA LEU A 42 -12.11 -33.81 2.58
C LEU A 42 -13.49 -33.60 3.19
N THR A 43 -14.39 -34.58 3.03
CA THR A 43 -15.71 -34.47 3.63
C THR A 43 -15.62 -34.39 5.15
N ASN A 44 -14.74 -35.19 5.76
CA ASN A 44 -14.64 -35.21 7.21
C ASN A 44 -14.11 -33.88 7.72
N LEU A 45 -13.15 -33.30 7.00
CA LEU A 45 -12.64 -32.00 7.35
C LEU A 45 -13.71 -30.93 7.20
N ALA A 46 -14.49 -30.99 6.11
CA ALA A 46 -15.52 -29.98 5.84
C ALA A 46 -16.65 -30.08 6.85
N ASP A 47 -17.04 -31.31 7.20
CA ASP A 47 -18.06 -31.51 8.24
C ASP A 47 -17.66 -30.90 9.59
N ARG A 48 -16.39 -31.07 9.99
CA ARG A 48 -15.94 -30.49 11.27
C ARG A 48 -15.80 -28.99 11.18
N GLU A 49 -15.37 -28.46 10.02
CA GLU A 49 -15.28 -27.01 9.86
C GLU A 49 -16.64 -26.34 9.92
N LEU A 50 -17.68 -27.04 9.47
CA LEU A 50 -19.00 -26.42 9.40
C LEU A 50 -19.46 -25.98 10.78
N VAL A 51 -19.25 -26.81 11.79
CA VAL A 51 -19.67 -26.47 13.15
C VAL A 51 -19.05 -25.14 13.57
N HIS A 52 -17.75 -25.01 13.36
CA HIS A 52 -17.08 -23.75 13.70
C HIS A 52 -17.52 -22.59 12.82
N MET A 53 -18.00 -22.87 11.60
CA MET A 53 -18.49 -21.78 10.73
C MET A 53 -19.79 -21.23 11.26
N ILE A 54 -20.65 -22.10 11.80
CA ILE A 54 -21.87 -21.58 12.42
C ILE A 54 -21.56 -20.70 13.61
N ASN A 55 -20.56 -21.06 14.42
CA ASN A 55 -20.16 -20.20 15.53
C ASN A 55 -19.65 -18.86 15.05
N TRP A 56 -18.85 -18.88 13.98
CA TRP A 56 -18.36 -17.65 13.37
C TRP A 56 -19.51 -16.81 12.80
N ALA A 57 -20.42 -17.44 12.07
CA ALA A 57 -21.57 -16.71 11.51
C ALA A 57 -22.36 -15.97 12.57
N LYS A 58 -22.58 -16.60 13.72
CA LYS A 58 -23.37 -15.98 14.78
C LYS A 58 -22.73 -14.70 15.30
N ARG A 59 -21.43 -14.52 15.08
CA ARG A 59 -20.71 -13.33 15.52
C ARG A 59 -20.47 -12.33 14.40
N VAL A 60 -20.96 -12.58 13.19
CA VAL A 60 -20.87 -11.56 12.13
C VAL A 60 -21.92 -10.51 12.45
N PRO A 61 -21.54 -9.26 12.69
CA PRO A 61 -22.54 -8.25 13.09
C PRO A 61 -23.74 -8.23 12.15
N GLY A 62 -24.92 -8.33 12.73
CA GLY A 62 -26.18 -8.32 12.00
C GLY A 62 -26.77 -9.69 11.68
N PHE A 63 -25.98 -10.76 11.70
CA PHE A 63 -26.48 -12.06 11.25
C PHE A 63 -27.57 -12.57 12.17
N VAL A 64 -27.39 -12.44 13.49
CA VAL A 64 -28.43 -12.90 14.41
C VAL A 64 -29.64 -12.00 14.52
N ASP A 65 -29.63 -10.80 13.91
CA ASP A 65 -30.86 -10.01 13.86
C ASP A 65 -31.88 -10.64 12.92
N LEU A 66 -31.45 -11.58 12.10
CA LEU A 66 -32.33 -12.25 11.15
C LEU A 66 -33.07 -13.41 11.83
N THR A 67 -34.19 -13.80 11.21
CA THR A 67 -34.91 -14.97 11.67
C THR A 67 -33.99 -16.19 11.52
N SER A 68 -34.25 -17.23 12.33
CA SER A 68 -33.51 -18.47 12.20
C SER A 68 -33.60 -19.02 10.79
N HIS A 69 -34.78 -18.96 10.19
CA HIS A 69 -34.98 -19.47 8.84
C HIS A 69 -34.07 -18.75 7.84
N ASP A 70 -33.95 -17.44 7.96
CA ASP A 70 -33.14 -16.68 7.01
C ASP A 70 -31.65 -16.90 7.26
N GLN A 71 -31.27 -17.06 8.53
CA GLN A 71 -29.92 -17.49 8.88
C GLN A 71 -29.54 -18.79 8.20
N VAL A 72 -30.40 -19.80 8.27
CA VAL A 72 -30.10 -21.06 7.63
C VAL A 72 -30.03 -20.91 6.11
N HIS A 73 -30.97 -20.18 5.51
CA HIS A 73 -30.92 -19.99 4.07
C HIS A 73 -29.60 -19.37 3.64
N LEU A 74 -29.08 -18.40 4.41
CA LEU A 74 -27.79 -17.80 4.02
C LEU A 74 -26.66 -18.81 4.14
N LEU A 75 -26.66 -19.62 5.20
CA LEU A 75 -25.64 -20.63 5.36
C LEU A 75 -25.74 -21.68 4.28
N GLU A 76 -26.97 -22.11 3.92
CA GLU A 76 -27.14 -23.10 2.88
C GLU A 76 -26.53 -22.62 1.57
N CYS A 77 -26.73 -21.36 1.20
CA CYS A 77 -26.21 -20.85 -0.06
C CYS A 77 -24.71 -20.55 -0.01
N ALA A 78 -24.16 -20.23 1.16
CA ALA A 78 -22.77 -19.76 1.25
C ALA A 78 -21.73 -20.73 1.79
N TRP A 79 -22.13 -21.87 2.37
CA TRP A 79 -21.17 -22.64 3.17
C TRP A 79 -19.97 -23.06 2.34
N LEU A 80 -20.19 -23.55 1.10
CA LEU A 80 -19.02 -24.01 0.33
C LEU A 80 -18.15 -22.82 -0.10
N GLU A 81 -18.77 -21.68 -0.44
CA GLU A 81 -18.01 -20.47 -0.74
C GLU A 81 -17.12 -20.05 0.44
N ILE A 82 -17.65 -20.15 1.64
CA ILE A 82 -16.91 -19.77 2.86
C ILE A 82 -15.74 -20.75 3.11
N LEU A 83 -15.96 -22.05 2.98
CA LEU A 83 -14.86 -22.98 3.10
C LEU A 83 -13.78 -22.71 2.05
N MET A 84 -14.21 -22.47 0.80
CA MET A 84 -13.29 -22.21 -0.30
C MET A 84 -12.48 -20.94 -0.09
N ILE A 85 -13.10 -19.83 0.32
CA ILE A 85 -12.27 -18.63 0.53
C ILE A 85 -11.29 -18.82 1.71
N GLY A 86 -11.67 -19.61 2.72
CA GLY A 86 -10.74 -19.95 3.79
C GLY A 86 -9.59 -20.79 3.27
N LEU A 87 -9.90 -21.75 2.39
CA LEU A 87 -8.85 -22.57 1.81
C LEU A 87 -7.88 -21.70 1.01
N VAL A 88 -8.40 -20.78 0.21
CA VAL A 88 -7.57 -19.94 -0.65
C VAL A 88 -6.68 -19.03 0.21
N TRP A 89 -7.23 -18.51 1.29
CA TRP A 89 -6.46 -17.67 2.20
C TRP A 89 -5.34 -18.49 2.86
N ARG A 90 -5.66 -19.69 3.34
CA ARG A 90 -4.65 -20.56 3.95
C ARG A 90 -3.51 -20.84 2.99
N SER A 91 -3.84 -20.97 1.70
CA SER A 91 -2.92 -21.42 0.68
C SER A 91 -2.11 -20.32 0.05
N MET A 92 -2.38 -19.05 0.41
CA MET A 92 -1.74 -17.93 -0.27
C MET A 92 -0.23 -18.07 -0.32
N GLU A 93 0.37 -18.43 0.81
CA GLU A 93 1.82 -18.48 0.90
C GLU A 93 2.40 -19.80 0.39
N HIS A 94 1.62 -20.61 -0.32
CA HIS A 94 2.07 -21.91 -0.83
C HIS A 94 1.69 -22.01 -2.30
N PRO A 95 2.48 -21.39 -3.18
CA PRO A 95 2.13 -21.39 -4.60
C PRO A 95 2.14 -22.81 -5.18
N GLY A 96 1.14 -23.10 -6.00
CA GLY A 96 0.99 -24.42 -6.57
C GLY A 96 0.35 -25.45 -5.65
N LYS A 97 0.04 -25.11 -4.41
CA LYS A 97 -0.50 -26.06 -3.46
C LYS A 97 -1.69 -25.48 -2.71
N LEU A 98 -2.51 -26.39 -2.19
CA LEU A 98 -3.73 -26.07 -1.45
C LEU A 98 -3.59 -26.63 -0.04
N LEU A 99 -3.60 -25.72 0.94
CA LEU A 99 -3.39 -26.05 2.33
C LEU A 99 -4.76 -26.32 2.93
N PHE A 100 -5.27 -27.53 2.68
CA PHE A 100 -6.55 -27.91 3.28
C PHE A 100 -6.46 -27.86 4.81
N ALA A 101 -5.35 -28.37 5.35
CA ALA A 101 -5.02 -28.34 6.77
C ALA A 101 -3.51 -28.28 6.91
N PRO A 102 -2.99 -27.99 8.11
CA PRO A 102 -1.53 -27.98 8.26
C PRO A 102 -0.90 -29.32 7.90
N ASN A 103 -1.61 -30.42 8.12
CA ASN A 103 -1.11 -31.74 7.81
C ASN A 103 -1.70 -32.27 6.51
N LEU A 104 -2.29 -31.42 5.67
CA LEU A 104 -2.86 -31.86 4.38
C LEU A 104 -2.63 -30.74 3.36
N LEU A 105 -1.41 -30.73 2.81
CA LEU A 105 -1.00 -29.75 1.80
C LEU A 105 -0.95 -30.48 0.47
N LEU A 106 -1.85 -30.17 -0.43
CA LEU A 106 -1.97 -30.89 -1.68
C LEU A 106 -1.53 -29.94 -2.81
N ASP A 107 -0.43 -30.32 -3.54
CA ASP A 107 -0.44 -29.99 -5.03
C ASP A 107 -1.53 -30.61 -6.03
N ARG A 108 -1.54 -29.75 -7.05
CA ARG A 108 -2.37 -29.86 -8.24
C ARG A 108 -2.55 -31.31 -8.68
N ASN A 109 -1.44 -32.05 -8.86
CA ASN A 109 -1.58 -33.38 -9.44
C ASN A 109 -2.34 -34.31 -8.53
N GLN A 110 -2.49 -33.97 -7.24
CA GLN A 110 -3.26 -34.83 -6.35
C GLN A 110 -4.75 -34.64 -6.52
N GLY A 111 -5.19 -33.49 -7.06
CA GLY A 111 -6.60 -33.33 -7.34
C GLY A 111 -7.10 -34.23 -8.45
N LYS A 112 -6.18 -34.73 -9.29
CA LYS A 112 -6.55 -35.70 -10.32
C LYS A 112 -7.03 -37.05 -9.78
N CYS A 113 -6.75 -37.42 -8.52
CA CYS A 113 -7.30 -38.65 -8.02
C CYS A 113 -8.81 -38.67 -8.21
N VAL A 114 -9.45 -37.52 -8.03
CA VAL A 114 -10.90 -37.39 -8.14
C VAL A 114 -11.22 -36.81 -9.51
N GLU A 115 -12.05 -37.54 -10.25
CA GLU A 115 -12.58 -37.05 -11.53
C GLU A 115 -13.34 -35.74 -11.33
N GLY A 116 -12.97 -34.74 -12.13
CA GLY A 116 -13.54 -33.41 -12.05
C GLY A 116 -12.83 -32.44 -11.12
N MET A 117 -11.97 -32.93 -10.24
CA MET A 117 -11.47 -32.08 -9.18
C MET A 117 -10.29 -31.23 -9.63
N VAL A 118 -9.47 -31.66 -10.61
CA VAL A 118 -8.26 -30.90 -10.91
C VAL A 118 -8.61 -29.54 -11.52
N GLU A 119 -9.57 -29.54 -12.42
CA GLU A 119 -10.31 -28.34 -12.80
C GLU A 119 -10.62 -27.35 -11.69
N ILE A 120 -11.26 -27.80 -10.62
CA ILE A 120 -11.59 -26.91 -9.51
C ILE A 120 -10.32 -26.59 -8.73
N PHE A 121 -9.42 -27.57 -8.56
CA PHE A 121 -8.13 -27.26 -7.90
C PHE A 121 -7.40 -26.13 -8.63
N ASP A 122 -7.42 -26.15 -9.95
CA ASP A 122 -6.78 -25.12 -10.74
C ASP A 122 -7.46 -23.77 -10.55
N MET A 123 -8.79 -23.76 -10.42
CA MET A 123 -9.50 -22.49 -10.11
C MET A 123 -9.14 -21.97 -8.73
N LEU A 124 -9.12 -22.86 -7.73
CA LEU A 124 -8.72 -22.49 -6.37
C LEU A 124 -7.31 -21.93 -6.34
N LEU A 125 -6.38 -22.56 -7.05
CA LEU A 125 -4.98 -22.12 -7.09
C LEU A 125 -4.86 -20.76 -7.78
N ALA A 126 -5.60 -20.57 -8.88
CA ALA A 126 -5.67 -19.25 -9.51
C ALA A 126 -6.16 -18.16 -8.55
N THR A 127 -7.13 -18.45 -7.67
CA THR A 127 -7.63 -17.44 -6.74
C THR A 127 -6.59 -17.11 -5.71
N SER A 128 -5.90 -18.13 -5.19
CA SER A 128 -4.80 -17.91 -4.26
C SER A 128 -3.70 -17.06 -4.89
N SER A 129 -3.38 -17.31 -6.17
CA SER A 129 -2.38 -16.49 -6.85
C SER A 129 -2.88 -15.06 -7.02
N ARG A 130 -4.18 -14.87 -7.24
CA ARG A 130 -4.74 -13.53 -7.34
C ARG A 130 -4.70 -12.80 -6.00
N PHE A 131 -5.03 -13.50 -4.90
CA PHE A 131 -4.90 -12.90 -3.58
C PHE A 131 -3.46 -12.49 -3.30
N ARG A 132 -2.49 -13.34 -3.65
CA ARG A 132 -1.07 -13.02 -3.48
C ARG A 132 -0.70 -11.79 -4.31
N MET A 133 -1.09 -11.78 -5.59
CA MET A 133 -0.77 -10.65 -6.45
C MET A 133 -1.31 -9.34 -5.86
N MET A 134 -2.52 -9.37 -5.30
CA MET A 134 -3.13 -8.16 -4.72
C MET A 134 -2.64 -7.84 -3.31
N ASN A 135 -1.81 -8.70 -2.72
CA ASN A 135 -1.41 -8.57 -1.33
C ASN A 135 -2.64 -8.40 -0.44
N LEU A 136 -3.58 -9.33 -0.55
CA LEU A 136 -4.77 -9.31 0.27
C LEU A 136 -4.38 -9.33 1.75
N GLN A 137 -5.00 -8.46 2.53
CA GLN A 137 -4.72 -8.33 3.95
C GLN A 137 -5.74 -9.09 4.76
N GLY A 138 -5.35 -9.51 5.97
CA GLY A 138 -6.25 -10.27 6.81
C GLY A 138 -7.54 -9.52 7.13
N GLU A 139 -7.44 -8.20 7.41
CA GLU A 139 -8.63 -7.38 7.67
C GLU A 139 -9.59 -7.34 6.48
N GLU A 140 -9.05 -7.35 5.25
CA GLU A 140 -9.87 -7.42 4.06
C GLU A 140 -10.52 -8.80 3.90
N PHE A 141 -9.74 -9.86 4.09
CA PHE A 141 -10.25 -11.22 3.97
C PHE A 141 -11.52 -11.39 4.82
N VAL A 142 -11.48 -10.96 6.10
CA VAL A 142 -12.62 -11.22 7.00
C VAL A 142 -13.82 -10.40 6.56
N CYS A 143 -13.60 -9.17 6.08
CA CYS A 143 -14.68 -8.44 5.43
C CYS A 143 -15.26 -9.22 4.26
N LEU A 144 -14.41 -9.77 3.38
CA LEU A 144 -14.90 -10.50 2.19
C LEU A 144 -15.69 -11.73 2.61
N LYS A 145 -15.21 -12.48 3.62
CA LYS A 145 -15.87 -13.71 4.00
C LYS A 145 -17.27 -13.38 4.52
N SER A 146 -17.38 -12.27 5.24
CA SER A 146 -18.67 -11.82 5.77
C SER A 146 -19.60 -11.36 4.66
N ILE A 147 -19.07 -10.65 3.66
CA ILE A 147 -19.89 -10.31 2.49
C ILE A 147 -20.50 -11.56 1.85
N ILE A 148 -19.69 -12.62 1.67
CA ILE A 148 -20.16 -13.87 1.09
C ILE A 148 -21.33 -14.44 1.87
N LEU A 149 -21.23 -14.44 3.22
CA LEU A 149 -22.29 -14.95 4.09
C LEU A 149 -23.58 -14.18 3.86
N LEU A 150 -23.51 -12.85 3.82
CA LEU A 150 -24.71 -12.04 3.73
C LEU A 150 -25.21 -11.91 2.31
N ASN A 151 -24.34 -11.95 1.31
CA ASN A 151 -24.75 -11.65 -0.06
C ASN A 151 -25.22 -12.88 -0.83
N SER A 152 -24.66 -14.05 -0.58
CA SER A 152 -24.87 -15.13 -1.53
C SER A 152 -26.32 -15.60 -1.57
N GLY A 153 -27.03 -15.51 -0.46
CA GLY A 153 -28.38 -15.96 -0.40
C GLY A 153 -29.42 -14.86 -0.36
N VAL A 154 -28.99 -13.60 -0.37
CA VAL A 154 -29.93 -12.51 -0.18
C VAL A 154 -30.93 -12.45 -1.33
N TYR A 155 -30.49 -12.73 -2.58
CA TYR A 155 -31.32 -12.57 -3.76
C TYR A 155 -32.22 -13.77 -4.02
N THR A 156 -32.42 -14.64 -3.02
CA THR A 156 -33.32 -15.77 -3.15
C THR A 156 -34.19 -15.93 -1.91
N PHE A 157 -34.51 -14.88 -1.18
CA PHE A 157 -35.37 -15.03 -0.05
C PHE A 157 -36.76 -15.43 -0.59
N THR A 161 -43.96 -10.19 2.07
CA THR A 161 -44.40 -9.50 3.26
C THR A 161 -43.52 -8.36 3.60
N LEU A 162 -43.98 -7.52 4.47
CA LEU A 162 -43.20 -6.37 4.91
C LEU A 162 -41.96 -6.81 5.68
N LYS A 163 -42.11 -7.85 6.51
CA LYS A 163 -40.96 -8.36 7.25
C LYS A 163 -39.85 -8.80 6.30
N SER A 164 -40.19 -9.38 5.16
CA SER A 164 -39.19 -9.91 4.25
C SER A 164 -38.42 -8.77 3.58
N LEU A 165 -39.12 -7.68 3.28
CA LEU A 165 -38.44 -6.52 2.73
C LEU A 165 -37.56 -5.86 3.76
N GLU A 166 -37.99 -5.85 5.03
CA GLU A 166 -37.16 -5.29 6.09
C GLU A 166 -35.97 -6.19 6.44
N GLU A 167 -36.12 -7.52 6.36
CA GLU A 167 -34.96 -8.40 6.50
C GLU A 167 -33.95 -8.12 5.38
N LYS A 168 -34.44 -8.07 4.15
CA LYS A 168 -33.54 -7.83 3.02
C LYS A 168 -32.92 -6.44 3.08
N ASP A 169 -33.71 -5.43 3.48
CA ASP A 169 -33.12 -4.09 3.65
C ASP A 169 -32.05 -4.09 4.72
N HIS A 170 -32.27 -4.85 5.80
CA HIS A 170 -31.26 -4.96 6.85
C HIS A 170 -29.95 -5.53 6.32
N ILE A 171 -30.04 -6.59 5.52
CA ILE A 171 -28.87 -7.21 4.92
C ILE A 171 -28.11 -6.19 4.09
N HIS A 172 -28.82 -5.47 3.22
CA HIS A 172 -28.14 -4.53 2.34
C HIS A 172 -27.50 -3.40 3.12
N ARG A 173 -28.09 -3.01 4.24
CA ARG A 173 -27.46 -1.99 5.08
C ARG A 173 -26.20 -2.53 5.78
N VAL A 174 -26.23 -3.77 6.26
CA VAL A 174 -25.02 -4.34 6.84
C VAL A 174 -23.95 -4.47 5.76
N LEU A 175 -24.34 -4.92 4.55
CA LEU A 175 -23.37 -5.02 3.47
C LEU A 175 -22.75 -3.66 3.15
N ASP A 176 -23.57 -2.60 3.14
CA ASP A 176 -23.01 -1.26 2.96
C ASP A 176 -22.00 -0.94 4.07
N LYS A 177 -22.28 -1.37 5.31
CA LYS A 177 -21.38 -1.07 6.42
C LYS A 177 -20.05 -1.79 6.22
N ILE A 178 -20.07 -3.02 5.68
CA ILE A 178 -18.82 -3.71 5.42
C ILE A 178 -18.08 -3.07 4.27
N THR A 179 -18.81 -2.57 3.25
CA THR A 179 -18.18 -1.77 2.20
C THR A 179 -17.45 -0.57 2.77
N ASP A 180 -18.15 0.18 3.63
CA ASP A 180 -17.55 1.32 4.31
C ASP A 180 -16.30 0.89 5.07
N THR A 181 -16.33 -0.29 5.69
CA THR A 181 -15.19 -0.79 6.44
C THR A 181 -14.01 -1.09 5.55
N LEU A 182 -14.25 -1.75 4.41
CA LEU A 182 -13.18 -2.03 3.45
C LEU A 182 -12.54 -0.76 2.95
N ILE A 183 -13.37 0.26 2.67
CA ILE A 183 -12.83 1.52 2.21
C ILE A 183 -12.01 2.20 3.30
N HIS A 184 -12.52 2.18 4.54
CA HIS A 184 -11.80 2.78 5.66
C HIS A 184 -10.43 2.12 5.81
N LEU A 185 -10.37 0.80 5.75
CA LEU A 185 -9.08 0.11 5.83
C LEU A 185 -8.14 0.60 4.75
N MET A 186 -8.64 0.76 3.52
CA MET A 186 -7.77 1.15 2.42
C MET A 186 -7.31 2.59 2.57
N ALA A 187 -8.22 3.50 2.95
CA ALA A 187 -7.83 4.89 3.18
C ALA A 187 -6.82 5.03 4.34
N LYS A 188 -6.99 4.27 5.41
CA LYS A 188 -6.00 4.33 6.49
C LYS A 188 -4.65 3.79 6.04
N ALA A 189 -4.66 2.75 5.20
CA ALA A 189 -3.42 2.25 4.62
C ALA A 189 -2.71 3.31 3.78
N GLY A 190 -3.43 4.29 3.25
CA GLY A 190 -2.84 5.39 2.52
C GLY A 190 -3.13 5.40 1.04
N LEU A 191 -4.02 4.52 0.57
CA LEU A 191 -4.40 4.49 -0.83
C LEU A 191 -5.13 5.78 -1.23
N THR A 192 -4.84 6.27 -2.45
CA THR A 192 -5.64 7.37 -2.99
C THR A 192 -7.11 6.96 -3.15
N LEU A 193 -7.99 7.96 -3.33
CA LEU A 193 -9.41 7.65 -3.57
C LEU A 193 -9.57 6.77 -4.80
N GLN A 194 -8.85 7.09 -5.88
CA GLN A 194 -8.94 6.27 -7.09
C GLN A 194 -8.49 4.83 -6.82
N GLN A 195 -7.36 4.67 -6.11
CA GLN A 195 -6.88 3.34 -5.77
C GLN A 195 -7.87 2.60 -4.89
N GLN A 196 -8.52 3.32 -3.96
CA GLN A 196 -9.52 2.72 -3.06
C GLN A 196 -10.66 2.10 -3.85
N HIS A 197 -11.23 2.87 -4.81
CA HIS A 197 -12.37 2.37 -5.57
C HIS A 197 -11.95 1.22 -6.47
N GLN A 198 -10.78 1.32 -7.07
CA GLN A 198 -10.27 0.24 -7.92
C GLN A 198 -10.06 -1.05 -7.14
N ARG A 199 -9.48 -0.96 -5.93
CA ARG A 199 -9.20 -2.16 -5.15
C ARG A 199 -10.49 -2.77 -4.63
N LEU A 200 -11.44 -1.93 -4.17
CA LEU A 200 -12.77 -2.42 -3.77
C LEU A 200 -13.37 -3.25 -4.89
N ALA A 201 -13.36 -2.72 -6.10
CA ALA A 201 -13.93 -3.44 -7.24
C ALA A 201 -13.21 -4.76 -7.46
N GLN A 202 -11.88 -4.71 -7.45
CA GLN A 202 -11.07 -5.90 -7.70
C GLN A 202 -11.39 -7.01 -6.71
N LEU A 203 -11.52 -6.66 -5.43
CA LEU A 203 -11.88 -7.65 -4.42
C LEU A 203 -13.27 -8.22 -4.64
N LEU A 204 -14.25 -7.35 -4.91
CA LEU A 204 -15.62 -7.84 -5.08
C LEU A 204 -15.78 -8.66 -6.35
N LEU A 205 -14.99 -8.38 -7.40
CA LEU A 205 -15.08 -9.16 -8.62
C LEU A 205 -14.56 -10.57 -8.41
N ILE A 206 -13.58 -10.76 -7.51
CA ILE A 206 -13.12 -12.13 -7.20
C ILE A 206 -14.23 -12.96 -6.57
N LEU A 207 -15.17 -12.31 -5.88
CA LEU A 207 -16.29 -13.03 -5.28
C LEU A 207 -17.18 -13.71 -6.31
N SER A 208 -17.27 -13.15 -7.53
CA SER A 208 -17.98 -13.84 -8.62
C SER A 208 -17.26 -15.15 -9.00
N HIS A 209 -15.93 -15.17 -8.95
CA HIS A 209 -15.17 -16.38 -9.22
C HIS A 209 -15.37 -17.42 -8.13
N ILE A 210 -15.37 -16.98 -6.87
CA ILE A 210 -15.59 -17.91 -5.75
C ILE A 210 -16.98 -18.52 -5.85
N ARG A 211 -17.99 -17.71 -6.25
CA ARG A 211 -19.34 -18.24 -6.48
C ARG A 211 -19.33 -19.31 -7.55
N HIS A 212 -18.63 -19.07 -8.67
CA HIS A 212 -18.52 -20.03 -9.76
C HIS A 212 -17.96 -21.34 -9.26
N MET A 213 -16.84 -21.26 -8.52
CA MET A 213 -16.21 -22.46 -7.99
C MET A 213 -17.13 -23.22 -7.06
N SER A 214 -17.85 -22.51 -6.18
CA SER A 214 -18.80 -23.16 -5.29
C SER A 214 -19.92 -23.82 -6.09
N ASN A 215 -20.43 -23.13 -7.11
CA ASN A 215 -21.45 -23.73 -7.98
C ASN A 215 -20.95 -25.07 -8.57
N LYS A 216 -19.74 -25.07 -9.12
CA LYS A 216 -19.21 -26.28 -9.74
C LYS A 216 -19.00 -27.38 -8.71
N GLY A 217 -18.54 -27.03 -7.51
CA GLY A 217 -18.34 -28.03 -6.48
C GLY A 217 -19.64 -28.57 -5.94
N MET A 218 -20.64 -27.67 -5.75
CA MET A 218 -21.93 -28.15 -5.28
C MET A 218 -22.53 -29.13 -6.26
N GLU A 219 -22.39 -28.87 -7.58
CA GLU A 219 -22.90 -29.81 -8.58
C GLU A 219 -22.31 -31.18 -8.33
N HIS A 220 -21.00 -31.24 -8.09
CA HIS A 220 -20.36 -32.54 -7.86
C HIS A 220 -20.88 -33.17 -6.58
N LEU A 221 -21.02 -32.36 -5.52
CA LEU A 221 -21.56 -32.87 -4.28
C LEU A 221 -22.92 -33.49 -4.46
N TYR A 222 -23.83 -32.74 -5.08
CA TYR A 222 -25.19 -33.25 -5.26
C TYR A 222 -25.23 -34.49 -6.12
N SER A 223 -24.23 -34.69 -6.96
CA SER A 223 -24.24 -35.82 -7.89
C SER A 223 -23.84 -37.13 -7.23
N MET A 224 -22.91 -37.09 -6.28
CA MET A 224 -22.37 -38.34 -5.72
C MET A 224 -23.49 -39.30 -5.29
N LYS A 227 -23.54 -40.60 -0.82
CA LYS A 227 -24.20 -40.16 0.42
C LYS A 227 -24.88 -38.81 0.23
N ASN A 228 -25.49 -38.30 1.30
CA ASN A 228 -26.03 -36.94 1.32
C ASN A 228 -24.98 -36.07 1.99
N VAL A 229 -23.93 -35.78 1.22
CA VAL A 229 -22.81 -35.06 1.80
C VAL A 229 -23.22 -33.63 2.14
N VAL A 230 -24.16 -32.97 1.41
CA VAL A 230 -24.28 -31.48 1.49
C VAL A 230 -25.14 -31.34 2.77
N PRO A 231 -24.83 -30.38 3.65
CA PRO A 231 -25.56 -30.27 4.94
C PRO A 231 -27.01 -29.86 4.74
N SER A 232 -27.91 -30.57 5.43
CA SER A 232 -29.33 -30.34 5.23
C SER A 232 -29.75 -29.07 5.97
N TYR A 233 -30.92 -28.56 5.59
CA TYR A 233 -31.52 -27.46 6.33
C TYR A 233 -31.67 -27.82 7.80
N ASP A 234 -32.20 -29.01 8.09
CA ASP A 234 -32.42 -29.43 9.48
C ASP A 234 -31.12 -29.42 10.26
N LEU A 235 -30.03 -29.94 9.67
CA LEU A 235 -28.73 -29.95 10.35
C LEU A 235 -28.25 -28.53 10.66
N LEU A 236 -28.27 -27.65 9.66
CA LEU A 236 -27.87 -26.25 9.89
C LEU A 236 -28.71 -25.61 10.99
N LEU A 237 -30.03 -25.82 10.95
CA LEU A 237 -30.88 -25.22 11.98
C LEU A 237 -30.50 -25.73 13.37
N GLU A 238 -30.28 -27.03 13.51
CA GLU A 238 -29.92 -27.58 14.80
C GLU A 238 -28.58 -27.04 15.28
N MET A 239 -27.62 -26.87 14.39
CA MET A 239 -26.35 -26.31 14.81
C MET A 239 -26.51 -24.87 15.25
N LEU A 240 -27.37 -24.12 14.55
CA LEU A 240 -27.62 -22.74 14.95
C LEU A 240 -28.31 -22.66 16.30
N ASP A 241 -29.23 -23.56 16.59
CA ASP A 241 -29.94 -23.48 17.87
C ASP A 241 -29.11 -23.96 19.05
N ALA A 242 -28.10 -24.78 18.82
CA ALA A 242 -27.27 -25.30 19.90
C ALA A 242 -26.35 -24.20 20.40
N LEU B 2 -4.83 2.48 -26.00
CA LEU B 2 -5.93 3.32 -26.45
C LEU B 2 -7.14 3.23 -25.54
N ALA B 3 -7.61 2.00 -25.31
CA ALA B 3 -8.64 1.80 -24.29
C ALA B 3 -8.24 2.44 -22.96
N LEU B 4 -6.95 2.34 -22.60
CA LEU B 4 -6.50 2.87 -21.33
C LEU B 4 -6.40 4.38 -21.33
N SER B 5 -6.52 5.04 -22.48
CA SER B 5 -6.54 6.49 -22.53
C SER B 5 -7.96 7.08 -22.53
N LEU B 6 -9.00 6.25 -22.54
CA LEU B 6 -10.34 6.79 -22.65
C LEU B 6 -10.77 7.49 -21.37
N THR B 7 -11.50 8.60 -21.53
CA THR B 7 -12.19 9.19 -20.41
C THR B 7 -13.44 8.37 -20.06
N ALA B 8 -14.05 8.70 -18.91
CA ALA B 8 -15.32 8.05 -18.53
C ALA B 8 -16.41 8.31 -19.57
N ASP B 9 -16.47 9.53 -20.07
CA ASP B 9 -17.50 9.85 -21.07
C ASP B 9 -17.24 9.07 -22.35
N GLN B 10 -15.97 8.92 -22.75
CA GLN B 10 -15.70 8.17 -23.97
C GLN B 10 -16.02 6.69 -23.80
N MET B 11 -15.69 6.11 -22.65
CA MET B 11 -16.00 4.72 -22.38
C MET B 11 -17.51 4.51 -22.46
N VAL B 12 -18.28 5.40 -21.83
CA VAL B 12 -19.73 5.26 -21.82
C VAL B 12 -20.26 5.37 -23.24
N SER B 13 -19.82 6.41 -23.97
CA SER B 13 -20.24 6.63 -25.35
C SER B 13 -19.98 5.39 -26.20
N ALA B 14 -18.77 4.82 -26.11
CA ALA B 14 -18.44 3.63 -26.88
C ALA B 14 -19.36 2.44 -26.55
N LEU B 15 -19.55 2.15 -25.26
CA LEU B 15 -20.40 1.03 -24.88
C LEU B 15 -21.84 1.27 -25.30
N LEU B 16 -22.30 2.52 -25.21
CA LEU B 16 -23.67 2.79 -25.65
C LEU B 16 -23.81 2.58 -27.16
N ASP B 17 -22.81 2.98 -27.96
CA ASP B 17 -22.89 2.75 -29.40
C ASP B 17 -22.85 1.28 -29.76
N ALA B 18 -22.15 0.45 -28.98
CA ALA B 18 -22.03 -0.97 -29.31
C ALA B 18 -23.27 -1.76 -28.90
N GLU B 19 -24.22 -1.11 -28.21
CA GLU B 19 -25.34 -1.82 -27.61
C GLU B 19 -26.12 -2.56 -28.69
N PRO B 20 -26.35 -3.86 -28.56
CA PRO B 20 -27.18 -4.56 -29.52
C PRO B 20 -28.61 -4.08 -29.46
N PRO B 21 -29.36 -4.28 -30.55
CA PRO B 21 -30.77 -3.97 -30.52
C PRO B 21 -31.56 -5.02 -29.72
N ILE B 22 -32.78 -4.63 -29.35
CA ILE B 22 -33.71 -5.56 -28.74
C ILE B 22 -34.38 -6.36 -29.85
N LEU B 23 -34.20 -7.67 -29.84
CA LEU B 23 -34.71 -8.52 -30.91
C LEU B 23 -36.09 -9.05 -30.56
N TYR B 24 -36.83 -9.41 -31.59
CA TYR B 24 -38.16 -10.00 -31.44
C TYR B 24 -38.04 -11.50 -31.60
N SER B 25 -38.93 -12.22 -30.92
CA SER B 25 -39.13 -13.63 -31.20
C SER B 25 -39.73 -13.80 -32.58
N GLU B 26 -39.32 -14.86 -33.29
CA GLU B 26 -39.77 -15.14 -34.64
C GLU B 26 -41.01 -16.02 -34.57
N TYR B 27 -42.19 -15.40 -34.66
CA TYR B 27 -43.43 -16.15 -34.79
C TYR B 27 -44.59 -15.22 -35.17
N SER B 37 -43.54 -23.91 -29.18
CA SER B 37 -42.51 -24.50 -28.35
C SER B 37 -41.73 -23.39 -27.65
N MET B 38 -41.84 -23.33 -26.31
CA MET B 38 -41.15 -22.28 -25.58
C MET B 38 -39.65 -22.37 -25.77
N MET B 39 -39.13 -23.59 -25.85
CA MET B 39 -37.67 -23.73 -25.90
C MET B 39 -37.16 -23.55 -27.33
N GLY B 40 -37.92 -23.98 -28.34
CA GLY B 40 -37.63 -23.53 -29.70
C GLY B 40 -37.49 -22.03 -29.80
N LEU B 41 -38.48 -21.31 -29.27
CA LEU B 41 -38.47 -19.85 -29.40
C LEU B 41 -37.25 -19.24 -28.71
N LEU B 42 -36.94 -19.70 -27.50
CA LEU B 42 -35.85 -19.07 -26.76
C LEU B 42 -34.51 -19.43 -27.41
N THR B 43 -34.36 -20.67 -27.87
CA THR B 43 -33.11 -21.05 -28.53
C THR B 43 -32.87 -20.20 -29.77
N ASN B 44 -33.88 -20.07 -30.61
CA ASN B 44 -33.73 -19.22 -31.80
C ASN B 44 -33.42 -17.76 -31.45
N LEU B 45 -34.05 -17.21 -30.39
CA LEU B 45 -33.75 -15.84 -29.95
C LEU B 45 -32.30 -15.70 -29.47
N ALA B 46 -31.87 -16.57 -28.55
CA ALA B 46 -30.48 -16.58 -28.12
C ALA B 46 -29.50 -16.73 -29.27
N ASP B 47 -29.77 -17.65 -30.21
CA ASP B 47 -28.90 -17.81 -31.38
C ASP B 47 -28.72 -16.49 -32.13
N ARG B 48 -29.82 -15.76 -32.33
CA ARG B 48 -29.73 -14.46 -32.98
C ARG B 48 -29.04 -13.44 -32.11
N GLU B 49 -29.29 -13.49 -30.79
CA GLU B 49 -28.60 -12.61 -29.86
C GLU B 49 -27.10 -12.86 -29.88
N LEU B 50 -26.69 -14.12 -29.99
CA LEU B 50 -25.27 -14.41 -29.94
C LEU B 50 -24.51 -13.71 -31.06
N VAL B 51 -25.11 -13.65 -32.25
CA VAL B 51 -24.45 -12.99 -33.38
C VAL B 51 -24.16 -11.54 -33.06
N HIS B 52 -25.15 -10.83 -32.49
CA HIS B 52 -24.96 -9.45 -32.07
C HIS B 52 -23.98 -9.34 -30.90
N MET B 53 -23.92 -10.33 -30.03
CA MET B 53 -22.99 -10.32 -28.89
C MET B 53 -21.54 -10.32 -29.35
N ILE B 54 -21.21 -11.09 -30.39
CA ILE B 54 -19.86 -11.09 -30.91
C ILE B 54 -19.50 -9.70 -31.40
N ASN B 55 -20.37 -9.10 -32.21
CA ASN B 55 -20.07 -7.75 -32.71
C ASN B 55 -20.03 -6.76 -31.57
N TRP B 56 -20.87 -6.95 -30.55
CA TRP B 56 -20.79 -6.08 -29.36
C TRP B 56 -19.47 -6.24 -28.64
N ALA B 57 -19.02 -7.49 -28.46
CA ALA B 57 -17.79 -7.72 -27.70
C ALA B 57 -16.58 -7.10 -28.39
N LYS B 58 -16.52 -7.17 -29.73
CA LYS B 58 -15.40 -6.55 -30.44
C LYS B 58 -15.32 -5.04 -30.21
N ARG B 59 -16.45 -4.43 -29.84
CA ARG B 59 -16.53 -2.99 -29.63
C ARG B 59 -16.33 -2.60 -28.17
N VAL B 60 -16.15 -3.54 -27.26
CA VAL B 60 -15.85 -3.21 -25.87
C VAL B 60 -14.38 -2.78 -25.81
N PRO B 61 -14.07 -1.58 -25.34
CA PRO B 61 -12.68 -1.12 -25.41
C PRO B 61 -11.74 -2.11 -24.72
N GLY B 62 -10.60 -2.35 -25.36
CA GLY B 62 -9.63 -3.32 -24.87
C GLY B 62 -9.82 -4.77 -25.30
N PHE B 63 -11.04 -5.17 -25.72
CA PHE B 63 -11.29 -6.58 -26.00
C PHE B 63 -10.52 -7.08 -27.22
N VAL B 64 -10.46 -6.27 -28.28
CA VAL B 64 -9.76 -6.72 -29.49
C VAL B 64 -8.25 -6.64 -29.36
N ASP B 65 -7.73 -5.97 -28.32
CA ASP B 65 -6.31 -6.04 -28.02
C ASP B 65 -5.89 -7.43 -27.57
N LEU B 66 -6.83 -8.30 -27.26
CA LEU B 66 -6.53 -9.64 -26.78
C LEU B 66 -6.32 -10.60 -27.94
N THR B 67 -5.58 -11.67 -27.67
CA THR B 67 -5.45 -12.74 -28.64
C THR B 67 -6.85 -13.26 -28.94
N SER B 68 -7.02 -13.83 -30.13
CA SER B 68 -8.30 -14.46 -30.45
C SER B 68 -8.61 -15.57 -29.45
N HIS B 69 -7.59 -16.31 -29.02
CA HIS B 69 -7.79 -17.37 -28.04
C HIS B 69 -8.36 -16.82 -26.73
N ASP B 70 -7.84 -15.70 -26.27
CA ASP B 70 -8.35 -15.14 -25.03
C ASP B 70 -9.73 -14.54 -25.21
N GLN B 71 -10.03 -13.96 -26.38
CA GLN B 71 -11.37 -13.43 -26.61
C GLN B 71 -12.40 -14.54 -26.52
N VAL B 72 -12.08 -15.70 -27.07
CA VAL B 72 -13.00 -16.83 -27.07
C VAL B 72 -13.21 -17.34 -25.66
N HIS B 73 -12.13 -17.44 -24.89
CA HIS B 73 -12.26 -17.92 -23.53
C HIS B 73 -13.15 -17.01 -22.69
N LEU B 74 -12.98 -15.68 -22.81
CA LEU B 74 -13.86 -14.75 -22.08
C LEU B 74 -15.31 -14.88 -22.53
N LEU B 75 -15.55 -14.99 -23.85
CA LEU B 75 -16.91 -15.14 -24.35
C LEU B 75 -17.50 -16.49 -23.94
N GLU B 76 -16.72 -17.55 -24.04
CA GLU B 76 -17.22 -18.85 -23.63
C GLU B 76 -17.69 -18.81 -22.16
N CYS B 77 -16.97 -18.08 -21.31
CA CYS B 77 -17.33 -18.08 -19.89
C CYS B 77 -18.51 -17.13 -19.58
N ALA B 78 -18.71 -16.08 -20.38
CA ALA B 78 -19.67 -15.04 -20.03
C ALA B 78 -20.97 -15.06 -20.81
N TRP B 79 -21.10 -15.88 -21.86
CA TRP B 79 -22.19 -15.67 -22.81
C TRP B 79 -23.58 -15.72 -22.15
N LEU B 80 -23.81 -16.69 -21.28
CA LEU B 80 -25.13 -16.79 -20.66
C LEU B 80 -25.34 -15.69 -19.61
N GLU B 81 -24.32 -15.31 -18.87
CA GLU B 81 -24.45 -14.17 -17.96
C GLU B 81 -24.82 -12.90 -18.71
N ILE B 82 -24.25 -12.71 -19.90
CA ILE B 82 -24.54 -11.54 -20.72
C ILE B 82 -25.99 -11.57 -21.23
N LEU B 83 -26.42 -12.70 -21.75
CA LEU B 83 -27.82 -12.86 -22.11
C LEU B 83 -28.74 -12.59 -20.91
N MET B 84 -28.43 -13.14 -19.74
CA MET B 84 -29.30 -12.97 -18.58
C MET B 84 -29.38 -11.52 -18.15
N ILE B 85 -28.25 -10.80 -18.08
CA ILE B 85 -28.29 -9.43 -17.60
C ILE B 85 -29.07 -8.58 -18.58
N GLY B 86 -28.99 -8.86 -19.89
CA GLY B 86 -29.84 -8.19 -20.86
C GLY B 86 -31.31 -8.42 -20.57
N LEU B 87 -31.66 -9.68 -20.30
CA LEU B 87 -33.05 -10.04 -19.99
C LEU B 87 -33.55 -9.28 -18.75
N VAL B 88 -32.72 -9.23 -17.72
CA VAL B 88 -33.11 -8.56 -16.49
C VAL B 88 -33.30 -7.08 -16.73
N TRP B 89 -32.41 -6.48 -17.55
CA TRP B 89 -32.54 -5.06 -17.92
C TRP B 89 -33.84 -4.79 -18.69
N ARG B 90 -34.15 -5.62 -19.68
CA ARG B 90 -35.38 -5.47 -20.46
C ARG B 90 -36.62 -5.60 -19.60
N SER B 91 -36.58 -6.47 -18.57
CA SER B 91 -37.73 -6.80 -17.73
C SER B 91 -37.92 -5.83 -16.58
N MET B 92 -37.01 -4.89 -16.43
CA MET B 92 -36.96 -4.07 -15.23
C MET B 92 -38.26 -3.32 -15.02
N GLU B 93 -38.88 -2.82 -16.10
CA GLU B 93 -40.12 -2.07 -16.00
C GLU B 93 -41.38 -2.95 -16.04
N HIS B 94 -41.25 -4.26 -15.89
CA HIS B 94 -42.38 -5.20 -15.99
C HIS B 94 -42.37 -6.09 -14.76
N PRO B 95 -42.66 -5.52 -13.60
CA PRO B 95 -42.55 -6.29 -12.35
C PRO B 95 -43.31 -7.61 -12.44
N GLY B 96 -42.66 -8.67 -11.98
CA GLY B 96 -43.28 -9.99 -11.99
C GLY B 96 -43.25 -10.70 -13.33
N LYS B 97 -42.72 -10.07 -14.38
CA LYS B 97 -42.66 -10.67 -15.71
C LYS B 97 -41.24 -10.60 -16.25
N LEU B 98 -40.93 -11.49 -17.20
CA LEU B 98 -39.65 -11.51 -17.90
C LEU B 98 -39.88 -11.19 -19.37
N LEU B 99 -39.30 -10.07 -19.82
CA LEU B 99 -39.44 -9.60 -21.20
C LEU B 99 -38.32 -10.19 -22.07
N PHE B 100 -38.52 -11.46 -22.47
CA PHE B 100 -37.53 -12.12 -23.32
C PHE B 100 -37.41 -11.37 -24.64
N ALA B 101 -38.55 -10.94 -25.16
CA ALA B 101 -38.64 -10.09 -26.33
C ALA B 101 -39.91 -9.27 -26.20
N PRO B 102 -40.05 -8.20 -26.94
CA PRO B 102 -41.30 -7.43 -26.87
C PRO B 102 -42.52 -8.29 -27.16
N ASN B 103 -42.37 -9.36 -27.95
CA ASN B 103 -43.48 -10.24 -28.29
C ASN B 103 -43.34 -11.59 -27.62
N LEU B 104 -42.61 -11.62 -26.48
CA LEU B 104 -42.43 -12.82 -25.67
C LEU B 104 -42.19 -12.35 -24.23
N LEU B 105 -43.28 -11.95 -23.57
CA LEU B 105 -43.20 -11.39 -22.21
C LEU B 105 -43.92 -12.35 -21.26
N LEU B 106 -43.16 -13.03 -20.41
CA LEU B 106 -43.64 -14.20 -19.70
C LEU B 106 -43.74 -13.93 -18.20
N ASP B 107 -44.59 -14.70 -17.54
CA ASP B 107 -44.81 -14.56 -16.11
C ASP B 107 -44.62 -15.91 -15.45
N ARG B 108 -44.47 -15.91 -14.13
CA ARG B 108 -44.04 -17.11 -13.41
C ARG B 108 -44.77 -18.37 -13.87
N ASN B 109 -46.10 -18.33 -13.83
CA ASN B 109 -46.88 -19.53 -14.11
C ASN B 109 -46.58 -20.11 -15.47
N GLN B 110 -45.95 -19.36 -16.35
CA GLN B 110 -45.44 -19.90 -17.61
C GLN B 110 -44.06 -20.54 -17.45
N GLY B 111 -43.42 -20.38 -16.31
CA GLY B 111 -42.13 -21.01 -16.06
C GLY B 111 -42.20 -22.52 -16.13
N MET B 117 -37.31 -24.84 -13.61
CA MET B 117 -37.22 -23.61 -14.38
C MET B 117 -37.75 -22.44 -13.56
N VAL B 118 -38.77 -22.70 -12.73
CA VAL B 118 -39.34 -21.61 -11.95
C VAL B 118 -38.37 -21.12 -10.88
N GLU B 119 -37.47 -21.98 -10.38
CA GLU B 119 -36.44 -21.46 -9.48
C GLU B 119 -35.56 -20.43 -10.18
N ILE B 120 -35.16 -20.71 -11.43
CA ILE B 120 -34.34 -19.73 -12.12
C ILE B 120 -35.18 -18.52 -12.52
N PHE B 121 -36.46 -18.74 -12.78
CA PHE B 121 -37.29 -17.67 -13.30
C PHE B 121 -37.44 -16.63 -12.18
N ASP B 122 -37.64 -17.15 -10.94
CA ASP B 122 -37.72 -16.32 -9.74
C ASP B 122 -36.41 -15.59 -9.46
N MET B 123 -35.25 -16.24 -9.63
CA MET B 123 -33.97 -15.54 -9.44
C MET B 123 -33.85 -14.37 -10.43
N LEU B 124 -34.28 -14.57 -11.65
CA LEU B 124 -34.20 -13.49 -12.62
C LEU B 124 -35.09 -12.31 -12.24
N LEU B 125 -36.32 -12.60 -11.78
CA LEU B 125 -37.24 -11.57 -11.32
C LEU B 125 -36.69 -10.83 -10.11
N ALA B 126 -35.97 -11.54 -9.23
CA ALA B 126 -35.40 -10.91 -8.05
C ALA B 126 -34.32 -9.94 -8.45
N THR B 127 -33.57 -10.27 -9.53
CA THR B 127 -32.52 -9.39 -10.01
C THR B 127 -33.12 -8.14 -10.62
N SER B 128 -34.19 -8.32 -11.36
CA SER B 128 -34.88 -7.17 -11.95
C SER B 128 -35.53 -6.25 -10.95
N SER B 129 -36.09 -6.82 -9.89
CA SER B 129 -36.57 -6.04 -8.77
C SER B 129 -35.45 -5.26 -8.09
N ARG B 130 -34.27 -5.88 -7.96
CA ARG B 130 -33.14 -5.22 -7.35
C ARG B 130 -32.64 -4.07 -8.23
N PHE B 131 -32.51 -4.29 -9.56
CA PHE B 131 -32.18 -3.18 -10.45
C PHE B 131 -33.20 -2.05 -10.34
N ARG B 132 -34.50 -2.37 -10.21
CA ARG B 132 -35.53 -1.33 -10.08
C ARG B 132 -35.41 -0.51 -8.80
N MET B 133 -35.47 -1.14 -7.66
CA MET B 133 -35.01 -0.62 -6.38
C MET B 133 -33.75 0.25 -6.38
N MET B 134 -32.64 -0.11 -7.10
CA MET B 134 -31.51 0.81 -7.17
C MET B 134 -31.61 1.85 -8.25
N ASN B 135 -32.71 1.88 -9.02
CA ASN B 135 -32.80 2.87 -10.11
C ASN B 135 -31.61 2.74 -11.06
N LEU B 136 -31.29 1.51 -11.42
CA LEU B 136 -30.16 1.28 -12.31
C LEU B 136 -30.38 2.06 -13.60
N GLN B 137 -29.33 2.75 -14.03
CA GLN B 137 -29.37 3.57 -15.25
C GLN B 137 -28.71 2.85 -16.43
N GLY B 138 -29.10 3.26 -17.64
CA GLY B 138 -28.57 2.60 -18.83
C GLY B 138 -27.05 2.67 -18.94
N GLU B 139 -26.46 3.81 -18.57
CA GLU B 139 -24.99 3.92 -18.60
C GLU B 139 -24.31 3.01 -17.59
N GLU B 140 -24.94 2.74 -16.45
CA GLU B 140 -24.38 1.79 -15.51
C GLU B 140 -24.53 0.36 -16.02
N PHE B 141 -25.68 0.05 -16.59
CA PHE B 141 -25.94 -1.27 -17.18
C PHE B 141 -24.87 -1.66 -18.19
N VAL B 142 -24.51 -0.76 -19.12
CA VAL B 142 -23.56 -1.20 -20.16
C VAL B 142 -22.16 -1.42 -19.55
N CYS B 143 -21.81 -0.65 -18.51
CA CYS B 143 -20.54 -0.89 -17.82
C CYS B 143 -20.53 -2.26 -17.16
N LEU B 144 -21.63 -2.63 -16.52
CA LEU B 144 -21.74 -3.94 -15.86
C LEU B 144 -21.67 -5.10 -16.86
N LYS B 145 -22.34 -4.98 -18.00
CA LYS B 145 -22.27 -6.04 -18.99
C LYS B 145 -20.83 -6.18 -19.53
N SER B 146 -20.11 -5.09 -19.64
CA SER B 146 -18.70 -5.17 -20.05
C SER B 146 -17.81 -5.78 -18.97
N ILE B 147 -18.04 -5.45 -17.69
CA ILE B 147 -17.35 -6.10 -16.60
C ILE B 147 -17.57 -7.60 -16.64
N ILE B 148 -18.79 -8.04 -16.90
CA ILE B 148 -19.06 -9.47 -17.01
C ILE B 148 -18.18 -10.10 -18.09
N LEU B 149 -18.03 -9.41 -19.21
CA LEU B 149 -17.31 -9.97 -20.35
C LEU B 149 -15.86 -10.17 -19.97
N LEU B 150 -15.25 -9.14 -19.37
CA LEU B 150 -13.82 -9.15 -19.10
C LEU B 150 -13.47 -9.93 -17.84
N ASN B 151 -14.38 -9.98 -16.87
CA ASN B 151 -14.05 -10.57 -15.58
C ASN B 151 -14.30 -12.07 -15.52
N SER B 152 -15.35 -12.55 -16.20
CA SER B 152 -15.86 -13.88 -15.86
C SER B 152 -14.85 -14.97 -16.16
N GLY B 153 -14.00 -14.81 -17.15
CA GLY B 153 -13.03 -15.84 -17.48
C GLY B 153 -11.58 -15.48 -17.27
N VAL B 154 -11.30 -14.36 -16.59
CA VAL B 154 -9.90 -13.91 -16.49
C VAL B 154 -9.11 -14.80 -15.54
N TYR B 155 -9.77 -15.42 -14.55
CA TYR B 155 -9.13 -16.26 -13.55
C TYR B 155 -9.00 -17.70 -14.02
N THR B 156 -9.36 -18.00 -15.27
CA THR B 156 -9.23 -19.36 -15.80
C THR B 156 -8.40 -19.41 -17.08
N PHE B 157 -7.57 -18.40 -17.32
CA PHE B 157 -6.67 -18.41 -18.47
C PHE B 157 -5.56 -19.43 -18.27
N LEU B 165 0.65 -13.70 -19.21
CA LEU B 165 0.52 -12.76 -18.11
C LEU B 165 0.11 -11.36 -18.57
N GLU B 166 0.80 -10.84 -19.58
CA GLU B 166 0.50 -9.49 -20.05
C GLU B 166 -0.96 -9.36 -20.47
N GLU B 167 -1.56 -10.44 -20.99
CA GLU B 167 -2.97 -10.40 -21.33
C GLU B 167 -3.78 -10.15 -20.06
N LYS B 168 -3.52 -10.92 -19.00
CA LYS B 168 -4.38 -10.80 -17.83
C LYS B 168 -4.13 -9.41 -17.20
N ASP B 169 -2.90 -8.87 -17.25
CA ASP B 169 -2.68 -7.51 -16.72
C ASP B 169 -3.48 -6.48 -17.50
N HIS B 170 -3.43 -6.53 -18.84
CA HIS B 170 -4.23 -5.61 -19.65
C HIS B 170 -5.71 -5.65 -19.27
N ILE B 171 -6.25 -6.85 -19.09
CA ILE B 171 -7.67 -6.98 -18.74
C ILE B 171 -7.97 -6.29 -17.42
N HIS B 172 -7.08 -6.45 -16.42
CA HIS B 172 -7.34 -5.80 -15.14
C HIS B 172 -7.25 -4.29 -15.25
N ARG B 173 -6.37 -3.80 -16.11
CA ARG B 173 -6.29 -2.36 -16.34
C ARG B 173 -7.55 -1.84 -17.00
N VAL B 174 -8.10 -2.62 -17.93
CA VAL B 174 -9.34 -2.19 -18.56
C VAL B 174 -10.47 -2.23 -17.57
N LEU B 175 -10.48 -3.26 -16.70
CA LEU B 175 -11.48 -3.34 -15.67
C LEU B 175 -11.41 -2.15 -14.74
N ASP B 176 -10.19 -1.74 -14.38
CA ASP B 176 -9.99 -0.53 -13.57
C ASP B 176 -10.57 0.69 -14.25
N LYS B 177 -10.43 0.79 -15.57
CA LYS B 177 -11.02 1.90 -16.31
C LYS B 177 -12.55 1.87 -16.19
N ILE B 178 -13.15 0.69 -16.29
CA ILE B 178 -14.63 0.63 -16.15
C ILE B 178 -15.07 0.99 -14.71
N THR B 179 -14.29 0.61 -13.71
CA THR B 179 -14.54 1.10 -12.36
C THR B 179 -14.51 2.63 -12.32
N ASP B 180 -13.46 3.22 -12.88
CA ASP B 180 -13.35 4.68 -12.88
C ASP B 180 -14.56 5.31 -13.54
N THR B 181 -15.01 4.70 -14.66
CA THR B 181 -16.16 5.21 -15.39
C THR B 181 -17.43 5.17 -14.55
N LEU B 182 -17.64 4.08 -13.81
CA LEU B 182 -18.82 3.95 -12.95
C LEU B 182 -18.83 5.01 -11.86
N ILE B 183 -17.69 5.21 -11.22
CA ILE B 183 -17.58 6.22 -10.19
C ILE B 183 -17.81 7.61 -10.77
N HIS B 184 -17.25 7.90 -11.96
CA HIS B 184 -17.45 9.22 -12.54
C HIS B 184 -18.93 9.48 -12.84
N LEU B 185 -19.61 8.48 -13.38
CA LEU B 185 -21.04 8.58 -13.63
C LEU B 185 -21.78 8.93 -12.36
N MET B 186 -21.46 8.23 -11.26
CA MET B 186 -22.17 8.49 -10.02
C MET B 186 -21.84 9.89 -9.51
N ALA B 187 -20.57 10.31 -9.61
CA ALA B 187 -20.20 11.62 -9.08
C ALA B 187 -20.90 12.72 -9.86
N LYS B 188 -21.04 12.55 -11.18
CA LYS B 188 -21.77 13.58 -11.91
C LYS B 188 -23.26 13.55 -11.65
N ALA B 189 -23.82 12.42 -11.24
CA ALA B 189 -25.21 12.37 -10.81
C ALA B 189 -25.40 12.97 -9.42
N GLY B 190 -24.33 13.37 -8.76
CA GLY B 190 -24.42 14.04 -7.48
C GLY B 190 -24.31 13.16 -6.27
N LEU B 191 -23.88 11.90 -6.41
CA LEU B 191 -23.70 11.06 -5.23
C LEU B 191 -22.47 11.49 -4.44
N THR B 192 -22.59 11.45 -3.10
CA THR B 192 -21.46 11.71 -2.23
C THR B 192 -20.40 10.62 -2.41
N LEU B 193 -19.20 10.89 -1.90
CA LEU B 193 -18.15 9.90 -1.99
C LEU B 193 -18.60 8.60 -1.34
N GLN B 194 -19.27 8.66 -0.18
CA GLN B 194 -19.69 7.42 0.47
C GLN B 194 -20.71 6.68 -0.39
N GLN B 195 -21.68 7.42 -0.93
CA GLN B 195 -22.71 6.79 -1.75
C GLN B 195 -22.10 6.19 -3.00
N GLN B 196 -21.04 6.82 -3.53
CA GLN B 196 -20.35 6.28 -4.70
C GLN B 196 -19.78 4.92 -4.41
N HIS B 197 -18.99 4.81 -3.35
CA HIS B 197 -18.48 3.49 -3.15
C HIS B 197 -19.55 2.46 -2.76
N GLN B 198 -20.56 2.86 -2.01
CA GLN B 198 -21.59 1.91 -1.62
C GLN B 198 -22.34 1.39 -2.83
N ARG B 199 -22.63 2.26 -3.78
CA ARG B 199 -23.35 1.80 -4.98
C ARG B 199 -22.45 0.96 -5.86
N LEU B 200 -21.17 1.33 -5.98
CA LEU B 200 -20.24 0.47 -6.73
C LEU B 200 -20.26 -0.96 -6.20
N ALA B 201 -20.17 -1.11 -4.90
CA ALA B 201 -20.21 -2.46 -4.30
C ALA B 201 -21.54 -3.15 -4.54
N GLN B 202 -22.66 -2.42 -4.40
CA GLN B 202 -23.97 -3.03 -4.61
C GLN B 202 -24.10 -3.55 -6.03
N LEU B 203 -23.61 -2.80 -7.02
CA LEU B 203 -23.67 -3.26 -8.40
C LEU B 203 -22.78 -4.48 -8.62
N LEU B 204 -21.57 -4.47 -8.09
CA LEU B 204 -20.66 -5.57 -8.36
C LEU B 204 -21.08 -6.83 -7.65
N LEU B 205 -21.67 -6.70 -6.45
CA LEU B 205 -22.19 -7.85 -5.72
C LEU B 205 -23.36 -8.53 -6.46
N ILE B 206 -24.17 -7.78 -7.23
CA ILE B 206 -25.21 -8.43 -8.03
C ILE B 206 -24.59 -9.33 -9.10
N LEU B 207 -23.39 -9.02 -9.54
CA LEU B 207 -22.71 -9.87 -10.50
C LEU B 207 -22.47 -11.28 -9.98
N SER B 208 -22.22 -11.46 -8.67
CA SER B 208 -22.15 -12.79 -8.12
C SER B 208 -23.46 -13.55 -8.28
N HIS B 209 -24.60 -12.86 -8.13
CA HIS B 209 -25.88 -13.51 -8.35
C HIS B 209 -26.11 -13.86 -9.81
N ILE B 210 -25.66 -13.01 -10.74
CA ILE B 210 -25.75 -13.31 -12.18
C ILE B 210 -24.91 -14.55 -12.51
N ARG B 211 -23.71 -14.69 -11.93
CA ARG B 211 -22.91 -15.89 -12.18
C ARG B 211 -23.63 -17.14 -11.73
N HIS B 212 -24.22 -17.07 -10.52
CA HIS B 212 -24.98 -18.16 -9.94
C HIS B 212 -26.13 -18.58 -10.87
N MET B 213 -26.93 -17.62 -11.32
CA MET B 213 -28.00 -17.85 -12.30
C MET B 213 -27.47 -18.49 -13.61
N SER B 214 -26.35 -18.00 -14.14
CA SER B 214 -25.78 -18.64 -15.33
C SER B 214 -25.44 -20.12 -15.06
N ASN B 215 -24.95 -20.42 -13.85
CA ASN B 215 -24.69 -21.82 -13.50
C ASN B 215 -25.99 -22.73 -13.40
N LYS B 216 -26.93 -22.20 -12.73
CA LYS B 216 -28.15 -22.77 -12.65
C LYS B 216 -28.62 -22.91 -14.08
N GLY B 217 -28.63 -21.86 -15.00
CA GLY B 217 -29.13 -22.04 -16.36
C GLY B 217 -28.39 -23.11 -17.12
N MET B 218 -27.06 -23.10 -17.05
CA MET B 218 -26.26 -24.12 -17.71
C MET B 218 -26.69 -25.53 -17.28
N GLU B 219 -26.78 -25.76 -15.97
CA GLU B 219 -27.10 -27.12 -15.57
C GLU B 219 -28.51 -27.48 -16.00
N HIS B 220 -29.42 -26.53 -16.09
CA HIS B 220 -30.74 -26.94 -16.56
CA HIS B 220 -30.76 -26.86 -16.56
C HIS B 220 -30.80 -27.07 -18.08
N LEU B 221 -29.96 -26.35 -18.83
CA LEU B 221 -29.80 -26.70 -20.24
C LEU B 221 -29.32 -28.13 -20.36
N TYR B 222 -28.38 -28.53 -19.52
CA TYR B 222 -27.97 -29.93 -19.50
C TYR B 222 -29.13 -30.84 -19.11
N SER B 223 -29.81 -30.53 -18.00
CA SER B 223 -30.84 -31.46 -17.50
C SER B 223 -31.95 -31.64 -18.52
N MET B 224 -32.13 -30.65 -19.38
CA MET B 224 -33.07 -30.80 -20.43
C MET B 224 -32.51 -31.55 -21.68
N LYS B 225 -31.33 -32.23 -21.83
CA LYS B 225 -31.33 -32.93 -23.10
C LYS B 225 -30.93 -31.73 -24.18
N CYS B 226 -30.27 -30.54 -23.67
CA CYS B 226 -29.96 -29.37 -24.53
C CYS B 226 -28.46 -28.97 -24.49
N LYS B 227 -27.62 -29.92 -24.11
CA LYS B 227 -26.16 -29.76 -24.11
C LYS B 227 -25.73 -28.96 -25.33
N ASN B 228 -26.28 -29.36 -26.47
CA ASN B 228 -25.77 -28.98 -27.79
C ASN B 228 -25.91 -27.50 -28.08
N VAL B 229 -26.74 -26.75 -27.31
CA VAL B 229 -27.18 -25.38 -27.65
C VAL B 229 -26.09 -24.41 -27.15
N VAL B 230 -25.16 -24.87 -26.30
CA VAL B 230 -24.13 -24.01 -25.70
C VAL B 230 -23.04 -23.75 -26.74
N PRO B 231 -22.71 -22.53 -27.08
CA PRO B 231 -21.69 -22.33 -28.12
C PRO B 231 -20.34 -22.88 -27.65
N SER B 232 -19.68 -23.61 -28.56
CA SER B 232 -18.41 -24.23 -28.25
C SER B 232 -17.28 -23.22 -28.43
N TYR B 233 -16.10 -23.59 -27.94
CA TYR B 233 -14.88 -22.82 -28.22
C TYR B 233 -14.72 -22.60 -29.73
N ASP B 234 -14.79 -23.67 -30.53
CA ASP B 234 -14.57 -23.49 -31.96
C ASP B 234 -15.67 -22.65 -32.63
N LEU B 235 -16.91 -22.76 -32.16
CA LEU B 235 -17.98 -21.92 -32.71
C LEU B 235 -17.67 -20.45 -32.51
N LEU B 236 -17.32 -20.09 -31.26
CA LEU B 236 -17.03 -18.70 -30.93
C LEU B 236 -15.81 -18.21 -31.70
N LEU B 237 -14.78 -19.04 -31.80
CA LEU B 237 -13.59 -18.67 -32.56
C LEU B 237 -13.95 -18.32 -33.99
N GLU B 238 -14.71 -19.20 -34.63
CA GLU B 238 -15.10 -18.97 -36.01
C GLU B 238 -16.00 -17.75 -36.16
N MET B 239 -16.91 -17.52 -35.22
CA MET B 239 -17.74 -16.34 -35.27
C MET B 239 -16.89 -15.08 -35.06
N LEU B 240 -15.92 -15.13 -34.16
CA LEU B 240 -15.01 -14.00 -33.98
C LEU B 240 -14.22 -13.77 -35.26
N ASP B 241 -13.73 -14.83 -35.89
CA ASP B 241 -13.00 -14.69 -37.15
C ASP B 241 -13.86 -14.09 -38.24
N ALA B 242 -15.08 -14.60 -38.38
CA ALA B 242 -16.03 -14.06 -39.34
C ALA B 242 -16.37 -12.61 -39.01
N LEU C 2 21.62 35.12 26.99
CA LEU C 2 20.36 34.99 27.72
C LEU C 2 19.63 33.70 27.29
N ALA C 3 20.14 33.07 26.23
CA ALA C 3 19.34 32.10 25.49
C ALA C 3 19.06 30.83 26.29
N LEU C 4 20.06 30.32 27.00
CA LEU C 4 19.86 29.05 27.69
C LEU C 4 18.97 29.19 28.90
N SER C 5 18.60 30.41 29.28
CA SER C 5 17.68 30.61 30.39
C SER C 5 16.22 30.62 29.97
N LEU C 6 15.93 30.56 28.67
CA LEU C 6 14.53 30.58 28.22
C LEU C 6 13.80 29.31 28.65
N THR C 7 12.52 29.48 28.98
CA THR C 7 11.65 28.33 29.18
C THR C 7 11.19 27.78 27.83
N ALA C 8 10.73 26.53 27.84
CA ALA C 8 10.21 25.92 26.62
C ALA C 8 9.11 26.78 26.01
N ASP C 9 8.19 27.30 26.84
CA ASP C 9 7.11 28.14 26.32
C ASP C 9 7.62 29.45 25.75
N GLN C 10 8.69 30.01 26.35
CA GLN C 10 9.30 31.21 25.77
C GLN C 10 10.03 30.89 24.47
N MET C 11 10.64 29.70 24.37
CA MET C 11 11.36 29.32 23.16
C MET C 11 10.44 29.26 21.97
N VAL C 12 9.27 28.66 22.14
CA VAL C 12 8.31 28.52 21.05
C VAL C 12 7.79 29.88 20.60
N SER C 13 7.51 30.76 21.58
CA SER C 13 7.04 32.12 21.28
C SER C 13 8.10 32.90 20.51
N ALA C 14 9.36 32.80 20.93
CA ALA C 14 10.44 33.46 20.19
C ALA C 14 10.51 32.96 18.75
N LEU C 15 10.43 31.64 18.57
CA LEU C 15 10.56 31.09 17.22
C LEU C 15 9.35 31.45 16.37
N LEU C 16 8.15 31.31 16.91
CA LEU C 16 6.95 31.72 16.17
C LEU C 16 7.07 33.18 15.72
N ASP C 17 7.40 34.08 16.65
CA ASP C 17 7.50 35.51 16.32
C ASP C 17 8.60 35.82 15.31
N ALA C 18 9.63 34.96 15.17
CA ALA C 18 10.72 35.20 14.22
C ALA C 18 10.41 34.75 12.80
N GLU C 19 9.28 34.08 12.58
CA GLU C 19 9.02 33.44 11.30
C GLU C 19 9.16 34.46 10.16
N PRO C 20 9.73 34.06 9.03
CA PRO C 20 9.87 34.99 7.91
C PRO C 20 8.61 35.11 7.09
N PRO C 21 8.53 36.12 6.24
CA PRO C 21 7.32 36.31 5.42
C PRO C 21 7.25 35.29 4.29
N ILE C 22 6.04 35.11 3.79
CA ILE C 22 5.85 34.37 2.55
C ILE C 22 6.09 35.33 1.39
N LEU C 23 6.98 34.97 0.47
CA LEU C 23 7.25 35.83 -0.67
C LEU C 23 6.52 35.32 -1.90
N TYR C 24 6.34 36.22 -2.85
CA TYR C 24 5.74 35.85 -4.12
C TYR C 24 6.82 35.68 -5.17
N SER C 25 6.51 34.86 -6.15
CA SER C 25 7.39 34.70 -7.29
C SER C 25 7.27 35.93 -8.19
N GLU C 26 8.27 36.13 -9.05
CA GLU C 26 8.16 37.16 -10.07
C GLU C 26 6.77 37.07 -10.67
N TYR C 27 6.15 38.22 -10.89
CA TYR C 27 4.79 38.26 -11.41
C TYR C 27 4.73 38.09 -12.92
N ASP C 28 3.71 37.36 -13.38
CA ASP C 28 3.43 37.17 -14.81
C ASP C 28 4.67 36.80 -15.62
N PRO C 29 5.29 35.65 -15.34
CA PRO C 29 6.31 35.16 -16.26
C PRO C 29 5.65 34.52 -17.46
N THR C 30 6.27 34.71 -18.62
CA THR C 30 6.02 33.84 -19.77
C THR C 30 5.95 32.38 -19.34
N ARG C 31 4.76 31.79 -19.49
CA ARG C 31 4.53 30.36 -19.38
C ARG C 31 4.05 29.82 -20.72
N PRO C 32 4.38 28.56 -21.08
CA PRO C 32 5.12 27.56 -20.30
C PRO C 32 6.57 27.97 -20.10
N PHE C 33 7.22 27.38 -19.09
CA PHE C 33 8.61 27.67 -18.81
C PHE C 33 9.55 26.92 -19.75
N SER C 34 10.71 27.52 -19.98
CA SER C 34 11.90 26.83 -20.46
C SER C 34 12.73 26.37 -19.25
N GLU C 35 13.69 25.49 -19.51
CA GLU C 35 14.57 25.11 -18.41
C GLU C 35 15.24 26.33 -17.79
N ALA C 36 15.71 27.25 -18.63
CA ALA C 36 16.40 28.42 -18.10
C ALA C 36 15.44 29.34 -17.36
N SER C 37 14.21 29.52 -17.87
CA SER C 37 13.33 30.51 -17.26
C SER C 37 12.80 30.01 -15.94
N MET C 38 12.51 28.71 -15.83
CA MET C 38 12.11 28.15 -14.55
C MET C 38 13.23 28.30 -13.53
N MET C 39 14.47 27.98 -13.93
CA MET C 39 15.59 28.13 -13.00
C MET C 39 15.78 29.59 -12.61
N GLY C 40 15.60 30.50 -13.57
CA GLY C 40 15.69 31.93 -13.23
C GLY C 40 14.63 32.37 -12.24
N LEU C 41 13.42 31.84 -12.36
CA LEU C 41 12.38 32.21 -11.42
C LEU C 41 12.68 31.65 -10.03
N LEU C 42 13.16 30.41 -9.96
CA LEU C 42 13.45 29.82 -8.65
C LEU C 42 14.65 30.49 -7.99
N THR C 43 15.68 30.79 -8.76
CA THR C 43 16.84 31.49 -8.23
C THR C 43 16.44 32.89 -7.70
N ASN C 44 15.63 33.61 -8.46
CA ASN C 44 15.22 34.95 -8.01
C ASN C 44 14.43 34.87 -6.71
N LEU C 45 13.53 33.88 -6.60
CA LEU C 45 12.80 33.69 -5.37
C LEU C 45 13.74 33.34 -4.23
N ALA C 46 14.68 32.41 -4.46
CA ALA C 46 15.58 31.97 -3.40
C ALA C 46 16.44 33.12 -2.93
N ASP C 47 16.94 33.93 -3.86
CA ASP C 47 17.77 35.08 -3.49
C ASP C 47 17.02 36.05 -2.57
N ARG C 48 15.76 36.32 -2.87
CA ARG C 48 14.99 37.23 -2.01
C ARG C 48 14.62 36.59 -0.67
N GLU C 49 14.36 35.29 -0.67
CA GLU C 49 14.09 34.59 0.58
C GLU C 49 15.31 34.59 1.48
N LEU C 50 16.51 34.61 0.91
CA LEU C 50 17.70 34.46 1.75
C LEU C 50 17.86 35.65 2.66
N VAL C 51 17.60 36.87 2.18
CA VAL C 51 17.63 38.07 3.02
C VAL C 51 16.75 37.87 4.26
N HIS C 52 15.51 37.46 4.06
CA HIS C 52 14.63 37.25 5.20
C HIS C 52 15.06 36.06 6.06
N MET C 53 15.79 35.10 5.48
CA MET C 53 16.34 34.01 6.30
C MET C 53 17.36 34.53 7.29
N ILE C 54 18.17 35.49 6.87
CA ILE C 54 19.16 36.02 7.79
C ILE C 54 18.50 36.74 8.95
N ASN C 55 17.47 37.53 8.65
CA ASN C 55 16.70 38.18 9.71
C ASN C 55 16.19 37.16 10.69
N TRP C 56 15.57 36.09 10.17
CA TRP C 56 15.05 35.01 11.01
C TRP C 56 16.15 34.36 11.83
N ALA C 57 17.26 34.03 11.19
CA ALA C 57 18.36 33.38 11.88
C ALA C 57 18.83 34.20 13.07
N LYS C 58 18.92 35.51 12.90
CA LYS C 58 19.46 36.33 13.97
C LYS C 58 18.52 36.42 15.16
N ARG C 59 17.26 36.01 15.00
CA ARG C 59 16.29 35.94 16.09
C ARG C 59 16.11 34.53 16.66
N VAL C 60 16.86 33.54 16.18
CA VAL C 60 16.76 32.21 16.75
C VAL C 60 17.58 32.23 18.03
N PRO C 61 17.00 31.94 19.18
CA PRO C 61 17.75 32.11 20.45
C PRO C 61 19.10 31.40 20.40
N GLY C 62 20.15 32.14 20.74
CA GLY C 62 21.49 31.64 20.79
C GLY C 62 22.33 31.94 19.57
N PHE C 63 21.71 32.18 18.41
CA PHE C 63 22.47 32.28 17.16
C PHE C 63 23.44 33.47 17.21
N VAL C 64 22.99 34.61 17.73
CA VAL C 64 23.88 35.77 17.76
C VAL C 64 24.95 35.69 18.83
N ASP C 65 24.88 34.69 19.71
CA ASP C 65 25.94 34.47 20.67
C ASP C 65 27.22 34.03 19.98
N LEU C 66 27.13 33.49 18.78
CA LEU C 66 28.31 33.00 18.09
C LEU C 66 29.03 34.16 17.38
N THR C 67 30.30 33.95 17.09
CA THR C 67 31.03 34.89 16.25
C THR C 67 30.35 34.98 14.88
N SER C 68 30.56 36.11 14.20
CA SER C 68 29.99 36.29 12.88
C SER C 68 30.49 35.22 11.93
N HIS C 69 31.76 34.82 12.06
CA HIS C 69 32.29 33.75 11.24
C HIS C 69 31.46 32.47 11.40
N ASP C 70 31.20 32.08 12.65
CA ASP C 70 30.48 30.85 12.90
C ASP C 70 29.03 30.96 12.45
N GLN C 71 28.43 32.16 12.57
CA GLN C 71 27.10 32.39 12.03
C GLN C 71 27.05 32.17 10.54
N VAL C 72 28.02 32.75 9.80
CA VAL C 72 28.06 32.53 8.36
C VAL C 72 28.23 31.05 8.03
N HIS C 73 29.12 30.36 8.76
CA HIS C 73 29.35 28.95 8.46
C HIS C 73 28.06 28.16 8.60
N LEU C 74 27.32 28.42 9.67
CA LEU C 74 26.06 27.71 9.86
C LEU C 74 25.10 27.98 8.71
N LEU C 75 24.98 29.22 8.29
CA LEU C 75 24.07 29.57 7.19
C LEU C 75 24.52 28.96 5.87
N GLU C 76 25.83 28.98 5.58
CA GLU C 76 26.35 28.34 4.36
C GLU C 76 25.92 26.89 4.29
N CYS C 77 26.05 26.16 5.39
CA CYS C 77 25.75 24.76 5.42
C CYS C 77 24.25 24.49 5.37
N ALA C 78 23.43 25.39 5.92
CA ALA C 78 22.01 25.11 6.14
C ALA C 78 21.03 25.79 5.18
N TRP C 79 21.45 26.79 4.41
CA TRP C 79 20.47 27.64 3.74
C TRP C 79 19.53 26.86 2.83
N LEU C 80 20.04 25.90 2.04
CA LEU C 80 19.15 25.19 1.13
C LEU C 80 18.24 24.23 1.89
N GLU C 81 18.75 23.61 2.95
CA GLU C 81 17.87 22.83 3.82
C GLU C 81 16.74 23.70 4.38
N ILE C 82 17.07 24.90 4.79
CA ILE C 82 16.06 25.79 5.37
C ILE C 82 15.02 26.19 4.32
N LEU C 83 15.46 26.56 3.12
CA LEU C 83 14.51 26.84 2.05
C LEU C 83 13.63 25.63 1.78
N MET C 84 14.23 24.44 1.77
CA MET C 84 13.49 23.23 1.42
C MET C 84 12.45 22.85 2.49
N ILE C 85 12.80 22.91 3.78
CA ILE C 85 11.75 22.54 4.75
C ILE C 85 10.62 23.59 4.76
N GLY C 86 10.93 24.87 4.48
CA GLY C 86 9.89 25.87 4.32
C GLY C 86 8.97 25.55 3.15
N LEU C 87 9.55 25.12 2.03
CA LEU C 87 8.76 24.69 0.89
C LEU C 87 7.87 23.50 1.24
N VAL C 88 8.45 22.51 1.94
CA VAL C 88 7.68 21.33 2.30
C VAL C 88 6.52 21.70 3.22
N TRP C 89 6.77 22.58 4.18
CA TRP C 89 5.71 23.07 5.05
C TRP C 89 4.62 23.77 4.25
N ARG C 90 4.98 24.71 3.36
CA ARG C 90 4.00 25.45 2.57
C ARG C 90 3.15 24.51 1.74
N SER C 91 3.70 23.38 1.35
CA SER C 91 3.07 22.46 0.42
C SER C 91 2.22 21.39 1.09
N MET C 92 2.24 21.32 2.42
CA MET C 92 1.60 20.23 3.12
C MET C 92 0.14 20.09 2.72
N GLU C 93 -0.57 21.22 2.63
CA GLU C 93 -1.99 21.11 2.37
C GLU C 93 -2.31 20.96 0.86
N HIS C 94 -1.30 20.72 0.02
CA HIS C 94 -1.44 20.68 -1.45
C HIS C 94 -0.85 19.39 -2.00
N PRO C 95 -1.53 18.27 -1.78
CA PRO C 95 -0.95 16.97 -2.16
C PRO C 95 -0.57 16.91 -3.64
N GLY C 96 0.60 16.29 -3.92
CA GLY C 96 1.08 16.21 -5.29
C GLY C 96 1.64 17.49 -5.90
N LYS C 97 1.69 18.60 -5.16
CA LYS C 97 2.20 19.85 -5.70
C LYS C 97 3.17 20.51 -4.72
N LEU C 98 3.96 21.44 -5.24
CA LEU C 98 4.95 22.18 -4.46
C LEU C 98 4.59 23.66 -4.53
N LEU C 99 4.27 24.25 -3.37
CA LEU C 99 3.82 25.64 -3.27
C LEU C 99 5.09 26.45 -3.05
N PHE C 100 5.77 26.73 -4.14
CA PHE C 100 6.98 27.56 -4.07
C PHE C 100 6.65 28.97 -3.58
N ALA C 101 5.57 29.53 -4.12
CA ALA C 101 5.00 30.81 -3.73
C ALA C 101 3.49 30.73 -3.93
N PRO C 102 2.72 31.63 -3.31
CA PRO C 102 1.26 31.58 -3.52
C PRO C 102 0.88 31.66 -4.99
N ASN C 103 1.69 32.30 -5.82
CA ASN C 103 1.45 32.39 -7.25
C ASN C 103 2.31 31.44 -8.08
N LEU C 104 2.96 30.45 -7.46
CA LEU C 104 3.82 29.50 -8.16
C LEU C 104 3.65 28.13 -7.48
N LEU C 105 2.58 27.44 -7.89
CA LEU C 105 2.24 26.12 -7.37
C LEU C 105 2.48 25.15 -8.51
N LEU C 106 3.45 24.26 -8.35
CA LEU C 106 3.90 23.38 -9.42
C LEU C 106 3.59 21.93 -9.10
N ASP C 107 3.14 21.18 -10.11
CA ASP C 107 2.94 19.75 -9.92
C ASP C 107 4.20 19.00 -10.36
N ARG C 108 4.24 17.70 -10.04
CA ARG C 108 5.42 16.90 -10.35
C ARG C 108 5.83 17.04 -11.81
N ASN C 109 4.85 17.07 -12.73
CA ASN C 109 5.17 17.10 -14.15
C ASN C 109 6.02 18.31 -14.49
N GLN C 110 5.83 19.43 -13.78
CA GLN C 110 6.59 20.64 -14.10
C GLN C 110 8.04 20.53 -13.64
N GLY C 111 8.36 19.58 -12.76
CA GLY C 111 9.74 19.36 -12.42
C GLY C 111 10.56 18.81 -13.58
N LYS C 112 9.90 18.10 -14.49
CA LYS C 112 10.63 17.51 -15.61
C LYS C 112 11.21 18.57 -16.56
N CYS C 113 10.73 19.81 -16.47
CA CYS C 113 11.25 20.86 -17.35
C CYS C 113 12.77 20.97 -17.20
N VAL C 114 13.25 20.94 -15.97
CA VAL C 114 14.67 20.99 -15.64
C VAL C 114 15.14 19.56 -15.45
N GLU C 115 16.30 19.25 -16.01
CA GLU C 115 16.66 17.86 -16.26
C GLU C 115 16.66 17.01 -14.99
N GLY C 116 17.57 17.27 -14.07
CA GLY C 116 17.65 16.38 -12.92
C GLY C 116 16.72 16.76 -11.78
N MET C 117 15.64 17.46 -12.11
CA MET C 117 14.83 18.11 -11.10
C MET C 117 13.67 17.26 -10.59
N VAL C 118 13.06 16.42 -11.44
CA VAL C 118 11.88 15.68 -11.00
C VAL C 118 12.24 14.72 -9.87
N GLU C 119 13.39 14.11 -9.98
CA GLU C 119 14.09 13.44 -8.91
C GLU C 119 13.94 14.11 -7.53
N ILE C 120 14.35 15.35 -7.45
CA ILE C 120 14.28 16.09 -6.20
C ILE C 120 12.86 16.53 -5.91
N PHE C 121 12.08 16.90 -6.95
CA PHE C 121 10.68 17.24 -6.70
C PHE C 121 9.98 16.08 -6.01
N ASP C 122 10.29 14.86 -6.45
CA ASP C 122 9.67 13.69 -5.86
C ASP C 122 10.07 13.55 -4.41
N MET C 123 11.36 13.76 -4.11
CA MET C 123 11.80 13.69 -2.71
C MET C 123 11.09 14.73 -1.85
N LEU C 124 10.90 15.95 -2.37
CA LEU C 124 10.25 17.01 -1.60
C LEU C 124 8.79 16.67 -1.35
N LEU C 125 8.10 16.15 -2.38
CA LEU C 125 6.70 15.72 -2.27
C LEU C 125 6.55 14.59 -1.26
N ALA C 126 7.50 13.63 -1.26
CA ALA C 126 7.50 12.58 -0.24
C ALA C 126 7.63 13.14 1.17
N THR C 127 8.42 14.21 1.35
CA THR C 127 8.58 14.83 2.66
C THR C 127 7.29 15.55 3.09
N SER C 128 6.63 16.23 2.15
CA SER C 128 5.39 16.90 2.48
C SER C 128 4.32 15.87 2.85
N SER C 129 4.28 14.74 2.13
CA SER C 129 3.36 13.67 2.49
C SER C 129 3.65 13.15 3.89
N ARG C 130 4.92 12.97 4.25
CA ARG C 130 5.26 12.47 5.59
C ARG C 130 4.81 13.43 6.68
N PHE C 131 5.05 14.73 6.49
CA PHE C 131 4.59 15.73 7.47
C PHE C 131 3.07 15.71 7.58
N ARG C 132 2.37 15.56 6.45
CA ARG C 132 0.91 15.51 6.48
C ARG C 132 0.41 14.33 7.30
N MET C 133 0.94 13.13 7.04
CA MET C 133 0.48 11.98 7.80
C MET C 133 0.84 12.09 9.27
N MET C 134 2.00 12.68 9.59
CA MET C 134 2.39 12.88 10.97
C MET C 134 1.61 14.00 11.66
N ASN C 135 0.81 14.76 10.90
CA ASN C 135 0.13 15.96 11.40
C ASN C 135 1.12 16.92 12.05
N LEU C 136 2.23 17.15 11.38
CA LEU C 136 3.23 18.08 11.88
C LEU C 136 2.56 19.40 12.22
N GLN C 137 2.86 19.90 13.43
CA GLN C 137 2.32 21.17 13.92
C GLN C 137 3.31 22.34 13.77
N GLY C 138 2.73 23.52 13.53
CA GLY C 138 3.53 24.71 13.27
C GLY C 138 4.57 24.92 14.33
N GLU C 139 4.21 24.70 15.60
CA GLU C 139 5.18 24.87 16.67
C GLU C 139 6.32 23.87 16.56
N GLU C 140 6.06 22.66 16.04
CA GLU C 140 7.11 21.68 15.81
C GLU C 140 7.97 22.07 14.62
N PHE C 141 7.34 22.57 13.56
CA PHE C 141 8.08 22.99 12.38
C PHE C 141 9.16 24.02 12.73
N VAL C 142 8.82 25.06 13.49
CA VAL C 142 9.81 26.13 13.76
C VAL C 142 10.94 25.61 14.62
N CYS C 143 10.66 24.68 15.53
CA CYS C 143 11.71 23.98 16.25
C CYS C 143 12.62 23.21 15.30
N LEU C 144 12.02 22.48 14.35
CA LEU C 144 12.82 21.70 13.40
C LEU C 144 13.70 22.61 12.54
N LYS C 145 13.12 23.71 12.03
CA LYS C 145 13.91 24.60 11.18
C LYS C 145 15.10 25.16 11.93
N SER C 146 14.89 25.47 13.20
CA SER C 146 15.93 25.97 14.07
C SER C 146 17.00 24.93 14.28
N ILE C 147 16.61 23.67 14.43
CA ILE C 147 17.58 22.59 14.62
C ILE C 147 18.51 22.51 13.40
N ILE C 148 17.91 22.58 12.20
CA ILE C 148 18.67 22.54 10.96
C ILE C 148 19.74 23.64 10.95
N LEU C 149 19.35 24.86 11.30
CA LEU C 149 20.28 25.99 11.33
C LEU C 149 21.48 25.67 12.22
N LEU C 150 21.22 25.20 13.44
CA LEU C 150 22.28 25.04 14.42
C LEU C 150 23.07 23.76 14.21
N ASN C 151 22.45 22.75 13.61
CA ASN C 151 23.07 21.44 13.57
C ASN C 151 23.82 21.17 12.26
N SER C 152 23.36 21.71 11.14
CA SER C 152 23.91 21.26 9.87
C SER C 152 25.41 21.55 9.75
N GLY C 153 25.89 22.64 10.32
CA GLY C 153 27.28 22.99 10.16
C GLY C 153 28.11 22.88 11.42
N VAL C 154 27.53 22.37 12.51
CA VAL C 154 28.27 22.38 13.78
C VAL C 154 29.43 21.39 13.73
N TYR C 155 29.27 20.27 13.04
CA TYR C 155 30.25 19.19 13.05
C TYR C 155 31.43 19.48 12.13
N THR C 156 31.46 20.67 11.52
CA THR C 156 32.52 21.04 10.59
C THR C 156 33.13 22.39 10.93
N PHE C 157 33.01 22.84 12.18
CA PHE C 157 33.76 24.03 12.62
C PHE C 157 35.25 23.74 12.52
N THR C 161 41.05 24.80 19.51
CA THR C 161 41.10 25.99 20.36
C THR C 161 40.03 25.99 21.44
N LEU C 162 40.32 26.63 22.58
CA LEU C 162 39.37 26.69 23.67
C LEU C 162 38.05 27.32 23.20
N LYS C 163 38.13 28.52 22.62
CA LYS C 163 36.90 29.21 22.19
C LYS C 163 36.09 28.37 21.22
N SER C 164 36.78 27.66 20.32
CA SER C 164 36.10 26.78 19.38
C SER C 164 35.31 25.72 20.13
N LEU C 165 35.93 25.08 21.11
CA LEU C 165 35.21 24.09 21.91
C LEU C 165 34.04 24.73 22.66
N GLU C 166 34.23 25.96 23.13
CA GLU C 166 33.16 26.69 23.80
C GLU C 166 32.04 27.04 22.82
N GLU C 167 32.37 27.33 21.57
CA GLU C 167 31.33 27.61 20.58
C GLU C 167 30.44 26.39 20.34
N LYS C 168 31.05 25.24 20.07
CA LYS C 168 30.24 24.07 19.79
C LYS C 168 29.35 23.73 20.99
N ASP C 169 29.95 23.76 22.19
CA ASP C 169 29.22 23.35 23.38
C ASP C 169 27.97 24.19 23.54
N HIS C 170 28.10 25.50 23.27
CA HIS C 170 26.96 26.39 23.30
C HIS C 170 25.91 25.97 22.26
N ILE C 171 26.34 25.60 21.06
CA ILE C 171 25.39 25.13 20.04
C ILE C 171 24.71 23.84 20.49
N HIS C 172 25.46 22.92 21.08
CA HIS C 172 24.82 21.68 21.55
C HIS C 172 23.89 21.93 22.74
N ARG C 173 24.19 22.94 23.56
CA ARG C 173 23.29 23.26 24.66
C ARG C 173 22.01 23.91 24.14
N VAL C 174 22.11 24.76 23.14
CA VAL C 174 20.88 25.33 22.57
C VAL C 174 20.06 24.24 21.88
N LEU C 175 20.71 23.36 21.13
CA LEU C 175 20.02 22.23 20.53
C LEU C 175 19.33 21.36 21.60
N ASP C 176 19.99 21.10 22.73
CA ASP C 176 19.32 20.43 23.85
C ASP C 176 18.06 21.17 24.29
N LYS C 177 18.12 22.50 24.32
CA LYS C 177 16.96 23.29 24.75
C LYS C 177 15.82 23.16 23.73
N ILE C 178 16.15 23.14 22.44
CA ILE C 178 15.11 22.97 21.43
C ILE C 178 14.52 21.56 21.51
N THR C 179 15.38 20.55 21.76
CA THR C 179 14.87 19.21 22.03
C THR C 179 13.88 19.22 23.19
N ASP C 180 14.26 19.87 24.33
CA ASP C 180 13.37 19.99 25.47
C ASP C 180 12.07 20.64 25.06
N THR C 181 12.17 21.66 24.20
CA THR C 181 10.99 22.38 23.75
C THR C 181 10.07 21.50 22.94
N LEU C 182 10.65 20.67 22.04
CA LEU C 182 9.84 19.73 21.25
C LEU C 182 9.11 18.76 22.16
N ILE C 183 9.81 18.19 23.13
CA ILE C 183 9.19 17.28 24.09
C ILE C 183 8.10 18.00 24.86
N HIS C 184 8.36 19.23 25.32
CA HIS C 184 7.34 19.94 26.09
C HIS C 184 6.06 20.09 25.28
N LEU C 185 6.18 20.45 23.99
CA LEU C 185 5.01 20.58 23.13
C LEU C 185 4.27 19.26 23.01
N MET C 186 5.01 18.17 22.80
CA MET C 186 4.34 16.88 22.61
C MET C 186 3.67 16.44 23.91
N ALA C 187 4.37 16.58 25.03
CA ALA C 187 3.75 16.27 26.32
C ALA C 187 2.49 17.11 26.52
N LYS C 188 2.54 18.39 26.14
CA LYS C 188 1.34 19.12 26.49
C LYS C 188 0.19 18.77 25.57
N ALA C 189 0.45 18.12 24.43
CA ALA C 189 -0.59 17.67 23.52
C ALA C 189 -1.25 16.38 23.97
N GLY C 190 -0.72 15.73 25.00
CA GLY C 190 -1.32 14.51 25.54
C GLY C 190 -0.58 13.23 25.23
N LEU C 191 0.56 13.30 24.53
CA LEU C 191 1.32 12.11 24.15
C LEU C 191 1.92 11.43 25.38
N THR C 192 1.80 10.11 25.44
CA THR C 192 2.53 9.34 26.45
C THR C 192 4.03 9.58 26.31
N LEU C 193 4.80 9.23 27.36
CA LEU C 193 6.25 9.28 27.26
C LEU C 193 6.76 8.46 26.08
N GLN C 194 6.22 7.24 25.92
CA GLN C 194 6.67 6.43 24.79
C GLN C 194 6.40 7.13 23.47
N GLN C 195 5.21 7.73 23.35
CA GLN C 195 4.85 8.43 22.12
C GLN C 195 5.69 9.68 21.89
N GLN C 196 6.14 10.32 22.97
CA GLN C 196 6.95 11.53 22.83
C GLN C 196 8.31 11.19 22.24
N HIS C 197 8.97 10.16 22.79
CA HIS C 197 10.28 9.78 22.28
C HIS C 197 10.19 9.26 20.86
N GLN C 198 9.16 8.48 20.55
CA GLN C 198 9.00 7.98 19.19
C GLN C 198 8.79 9.12 18.20
N ARG C 199 7.92 10.10 18.53
CA ARG C 199 7.65 11.20 17.62
C ARG C 199 8.87 12.08 17.46
N LEU C 200 9.60 12.33 18.55
CA LEU C 200 10.85 13.07 18.43
C LEU C 200 11.79 12.40 17.43
N ALA C 201 11.97 11.08 17.56
CA ALA C 201 12.90 10.40 16.68
C ALA C 201 12.43 10.48 15.24
N GLN C 202 11.11 10.31 15.01
CA GLN C 202 10.57 10.36 13.66
C GLN C 202 10.87 11.71 12.99
N LEU C 203 10.71 12.80 13.74
CA LEU C 203 10.96 14.14 13.23
C LEU C 203 12.45 14.36 12.94
N LEU C 204 13.32 13.98 13.87
CA LEU C 204 14.76 14.15 13.65
C LEU C 204 15.29 13.26 12.53
N LEU C 205 14.70 12.07 12.31
CA LEU C 205 15.13 11.21 11.24
C LEU C 205 14.73 11.77 9.88
N ILE C 206 13.65 12.55 9.78
CA ILE C 206 13.32 13.20 8.49
C ILE C 206 14.39 14.25 8.14
N LEU C 207 15.05 14.81 9.14
CA LEU C 207 16.09 15.79 8.89
C LEU C 207 17.27 15.19 8.14
N SER C 208 17.53 13.88 8.28
CA SER C 208 18.53 13.21 7.43
C SER C 208 18.10 13.20 5.96
N HIS C 209 16.79 13.04 5.70
CA HIS C 209 16.31 13.09 4.32
C HIS C 209 16.40 14.51 3.75
N ILE C 210 16.10 15.52 4.57
CA ILE C 210 16.23 16.91 4.13
C ILE C 210 17.67 17.22 3.77
N ARG C 211 18.63 16.75 4.59
CA ARG C 211 20.05 16.92 4.30
C ARG C 211 20.41 16.30 2.95
N HIS C 212 19.95 15.08 2.71
CA HIS C 212 20.18 14.40 1.42
C HIS C 212 19.68 15.24 0.25
N MET C 213 18.41 15.70 0.30
CA MET C 213 17.83 16.58 -0.72
C MET C 213 18.71 17.81 -0.96
N SER C 214 19.15 18.46 0.13
CA SER C 214 20.00 19.64 -0.01
C SER C 214 21.31 19.30 -0.68
N ASN C 215 21.96 18.18 -0.29
CA ASN C 215 23.22 17.77 -0.90
C ASN C 215 23.03 17.61 -2.40
N LYS C 216 21.94 16.93 -2.80
CA LYS C 216 21.71 16.67 -4.22
C LYS C 216 21.41 17.97 -4.97
N GLY C 217 20.67 18.88 -4.31
CA GLY C 217 20.38 20.15 -4.92
C GLY C 217 21.61 21.04 -5.02
N MET C 218 22.44 21.06 -3.95
CA MET C 218 23.66 21.85 -3.98
C MET C 218 24.59 21.37 -5.09
N GLU C 219 24.72 20.04 -5.23
CA GLU C 219 25.56 19.49 -6.29
C GLU C 219 25.13 20.10 -7.60
N HIS C 220 23.82 20.19 -7.81
CA HIS C 220 23.33 20.74 -9.09
C HIS C 220 23.65 22.20 -9.18
N LEU C 221 23.49 22.94 -8.07
CA LEU C 221 23.82 24.36 -8.14
C LEU C 221 25.27 24.60 -8.51
N TYR C 222 26.19 23.84 -7.90
CA TYR C 222 27.61 24.05 -8.12
C TYR C 222 27.99 23.68 -9.54
N SER C 223 27.26 22.76 -10.16
CA SER C 223 27.56 22.33 -11.52
C SER C 223 27.18 23.38 -12.57
N MET C 224 26.29 24.30 -12.25
CA MET C 224 25.85 25.28 -13.24
C MET C 224 27.02 26.12 -13.74
N ASN C 228 27.21 31.45 -10.77
CA ASN C 228 27.38 31.58 -9.31
C ASN C 228 26.05 31.87 -8.64
N VAL C 229 25.24 30.82 -8.49
CA VAL C 229 23.95 30.94 -7.85
C VAL C 229 24.01 30.68 -6.34
N VAL C 230 25.06 30.04 -5.85
CA VAL C 230 25.19 29.75 -4.41
C VAL C 230 25.71 30.99 -3.70
N PRO C 231 25.08 31.43 -2.61
CA PRO C 231 25.56 32.68 -1.96
C PRO C 231 26.95 32.51 -1.36
N SER C 232 27.81 33.51 -1.58
CA SER C 232 29.20 33.41 -1.13
C SER C 232 29.25 33.65 0.37
N TYR C 233 30.37 33.25 0.98
CA TYR C 233 30.67 33.69 2.35
C TYR C 233 30.51 35.19 2.49
N ASP C 234 31.09 35.96 1.55
CA ASP C 234 31.09 37.41 1.67
C ASP C 234 29.67 37.97 1.68
N LEU C 235 28.80 37.45 0.81
CA LEU C 235 27.44 37.95 0.76
C LEU C 235 26.72 37.68 2.07
N LEU C 236 26.81 36.45 2.56
CA LEU C 236 26.14 36.12 3.81
C LEU C 236 26.61 37.03 4.93
N LEU C 237 27.92 37.21 5.02
CA LEU C 237 28.48 38.06 6.07
C LEU C 237 27.96 39.49 5.96
N GLU C 238 27.96 40.05 4.74
CA GLU C 238 27.44 41.39 4.56
C GLU C 238 25.97 41.45 4.98
N MET C 239 25.19 40.41 4.67
CA MET C 239 23.79 40.43 5.09
C MET C 239 23.67 40.37 6.60
N LEU C 240 24.53 39.58 7.27
CA LEU C 240 24.45 39.47 8.72
C LEU C 240 24.76 40.82 9.39
N ASP C 241 25.81 41.49 8.91
CA ASP C 241 26.19 42.76 9.50
C ASP C 241 25.16 43.85 9.23
N ALA C 242 24.50 43.82 8.07
CA ALA C 242 23.48 44.81 7.76
C ALA C 242 22.28 44.64 8.70
N SER D 1 4.89 -8.92 12.97
CA SER D 1 6.30 -9.25 12.80
C SER D 1 6.97 -9.71 14.09
N LEU D 2 7.96 -10.61 13.98
CA LEU D 2 8.73 -11.02 15.15
C LEU D 2 9.48 -9.85 15.77
N ALA D 3 10.02 -8.94 14.96
CA ALA D 3 10.83 -7.84 15.49
C ALA D 3 10.03 -6.96 16.44
N LEU D 4 8.75 -6.76 16.16
CA LEU D 4 7.99 -5.83 16.96
C LEU D 4 7.64 -6.35 18.33
N SER D 5 7.84 -7.64 18.61
CA SER D 5 7.61 -8.19 19.95
C SER D 5 8.85 -8.20 20.82
N LEU D 6 10.00 -7.76 20.30
CA LEU D 6 11.25 -7.90 21.06
C LEU D 6 11.36 -6.85 22.14
N THR D 7 11.86 -7.25 23.31
CA THR D 7 12.25 -6.26 24.30
C THR D 7 13.48 -5.50 23.81
N ALA D 8 13.80 -4.41 24.51
CA ALA D 8 15.04 -3.67 24.19
C ALA D 8 16.26 -4.56 24.37
N ASP D 9 16.34 -5.32 25.46
CA ASP D 9 17.49 -6.19 25.67
C ASP D 9 17.61 -7.24 24.57
N GLN D 10 16.49 -7.79 24.10
CA GLN D 10 16.53 -8.77 23.02
C GLN D 10 16.93 -8.15 21.67
N MET D 11 16.47 -6.92 21.40
CA MET D 11 16.90 -6.20 20.22
C MET D 11 18.41 -5.99 20.25
N VAL D 12 18.93 -5.56 21.40
CA VAL D 12 20.38 -5.31 21.50
C VAL D 12 21.15 -6.61 21.34
N SER D 13 20.67 -7.68 21.98
CA SER D 13 21.31 -8.99 21.85
C SER D 13 21.36 -9.42 20.38
N ALA D 14 20.24 -9.25 19.66
CA ALA D 14 20.21 -9.64 18.26
C ALA D 14 21.21 -8.83 17.46
N LEU D 15 21.28 -7.52 17.71
CA LEU D 15 22.15 -6.65 16.93
C LEU D 15 23.60 -6.91 17.26
N LEU D 16 23.91 -7.17 18.54
CA LEU D 16 25.29 -7.49 18.89
C LEU D 16 25.74 -8.80 18.27
N ASP D 17 24.87 -9.80 18.26
CA ASP D 17 25.19 -11.10 17.68
C ASP D 17 25.36 -11.02 16.16
N ALA D 18 24.72 -10.07 15.51
CA ALA D 18 24.84 -9.90 14.06
C ALA D 18 26.07 -9.08 13.65
N GLU D 19 26.85 -8.57 14.58
CA GLU D 19 27.86 -7.58 14.25
C GLU D 19 28.92 -8.22 13.36
N PRO D 20 29.27 -7.62 12.24
CA PRO D 20 30.32 -8.17 11.40
C PRO D 20 31.66 -8.09 12.07
N PRO D 21 32.63 -8.89 11.66
CA PRO D 21 33.98 -8.78 12.23
C PRO D 21 34.73 -7.57 11.67
N ILE D 22 35.81 -7.24 12.36
CA ILE D 22 36.74 -6.20 11.92
C ILE D 22 37.73 -6.86 10.97
N LEU D 23 37.72 -6.46 9.69
CA LEU D 23 38.56 -7.07 8.70
C LEU D 23 39.89 -6.32 8.60
N TYR D 24 40.90 -7.02 8.11
CA TYR D 24 42.21 -6.45 7.85
C TYR D 24 42.33 -6.09 6.36
N SER D 25 43.17 -5.10 6.10
CA SER D 25 43.61 -4.81 4.74
C SER D 25 44.48 -5.95 4.21
N GLU D 26 44.44 -6.14 2.88
CA GLU D 26 45.18 -7.20 2.21
C GLU D 26 46.45 -7.58 2.93
N SER D 37 48.79 0.87 -3.13
CA SER D 37 47.89 1.95 -3.52
C SER D 37 46.81 2.16 -2.49
N MET D 38 46.62 3.41 -2.07
CA MET D 38 45.64 3.71 -1.03
C MET D 38 44.24 3.34 -1.47
N MET D 39 43.84 3.77 -2.67
CA MET D 39 42.50 3.49 -3.13
C MET D 39 42.35 2.01 -3.46
N GLY D 40 43.39 1.38 -3.98
CA GLY D 40 43.33 -0.07 -4.14
C GLY D 40 43.03 -0.78 -2.84
N LEU D 41 43.76 -0.41 -1.79
CA LEU D 41 43.56 -1.05 -0.48
C LEU D 41 42.16 -0.78 0.05
N LEU D 42 41.69 0.48 -0.02
CA LEU D 42 40.37 0.78 0.53
C LEU D 42 39.27 0.10 -0.28
N THR D 43 39.42 0.02 -1.61
CA THR D 43 38.38 -0.63 -2.40
C THR D 43 38.29 -2.12 -2.07
N ASN D 44 39.44 -2.79 -1.97
CA ASN D 44 39.46 -4.21 -1.59
C ASN D 44 38.83 -4.44 -0.21
N LEU D 45 39.19 -3.62 0.77
CA LEU D 45 38.56 -3.71 2.09
C LEU D 45 37.05 -3.51 2.01
N ALA D 46 36.59 -2.42 1.39
CA ALA D 46 35.15 -2.17 1.37
C ALA D 46 34.39 -3.27 0.64
N ASP D 47 34.98 -3.83 -0.43
CA ASP D 47 34.37 -4.94 -1.17
C ASP D 47 34.16 -6.14 -0.27
N ARG D 48 35.16 -6.48 0.54
CA ARG D 48 35.03 -7.56 1.49
C ARG D 48 34.05 -7.18 2.59
N GLU D 49 34.03 -5.92 3.02
CA GLU D 49 33.07 -5.50 4.03
C GLU D 49 31.64 -5.60 3.54
N LEU D 50 31.40 -5.33 2.25
CA LEU D 50 30.04 -5.40 1.71
C LEU D 50 29.45 -6.79 1.90
N VAL D 51 30.25 -7.84 1.69
CA VAL D 51 29.70 -9.19 1.81
C VAL D 51 29.18 -9.42 3.22
N HIS D 52 29.98 -9.03 4.21
CA HIS D 52 29.55 -9.13 5.59
C HIS D 52 28.36 -8.23 5.88
N MET D 53 28.29 -7.07 5.21
CA MET D 53 27.19 -6.15 5.47
C MET D 53 25.86 -6.78 5.08
N ILE D 54 25.81 -7.48 3.93
CA ILE D 54 24.58 -8.12 3.49
C ILE D 54 24.12 -9.10 4.53
N ASN D 55 25.06 -9.88 5.06
CA ASN D 55 24.68 -10.89 6.04
C ASN D 55 24.33 -10.26 7.37
N TRP D 56 24.96 -9.16 7.73
CA TRP D 56 24.54 -8.40 8.89
C TRP D 56 23.10 -7.89 8.70
N ALA D 57 22.80 -7.33 7.51
CA ALA D 57 21.50 -6.70 7.32
C ALA D 57 20.39 -7.73 7.47
N LYS D 58 20.59 -8.89 6.88
CA LYS D 58 19.68 -10.03 7.04
C LYS D 58 19.32 -10.35 8.49
N ARG D 59 20.17 -9.98 9.41
CA ARG D 59 19.97 -10.34 10.79
C ARG D 59 19.47 -9.20 11.65
N VAL D 60 19.25 -8.02 11.04
CA VAL D 60 18.63 -6.89 11.73
C VAL D 60 17.14 -7.19 11.86
N PRO D 61 16.61 -7.25 13.08
CA PRO D 61 15.19 -7.65 13.22
C PRO D 61 14.31 -6.76 12.36
N GLY D 62 13.39 -7.39 11.66
CA GLY D 62 12.48 -6.68 10.77
C GLY D 62 12.91 -6.57 9.32
N PHE D 63 14.21 -6.69 9.00
CA PHE D 63 14.70 -6.42 7.65
C PHE D 63 14.28 -7.52 6.70
N VAL D 64 14.30 -8.78 7.13
CA VAL D 64 13.92 -9.86 6.24
C VAL D 64 12.41 -9.96 6.06
N ASP D 65 11.62 -9.22 6.83
CA ASP D 65 10.20 -9.19 6.54
C ASP D 65 9.90 -8.40 5.28
N LEU D 66 10.84 -7.62 4.80
CA LEU D 66 10.63 -6.80 3.63
C LEU D 66 10.83 -7.62 2.36
N THR D 67 10.22 -7.15 1.27
CA THR D 67 10.49 -7.74 -0.03
C THR D 67 11.97 -7.60 -0.39
N SER D 68 12.44 -8.48 -1.28
CA SER D 68 13.84 -8.39 -1.72
C SER D 68 14.12 -7.06 -2.40
N HIS D 69 13.17 -6.55 -3.20
CA HIS D 69 13.39 -5.25 -3.82
C HIS D 69 13.58 -4.14 -2.79
N ASP D 70 12.76 -4.13 -1.73
CA ASP D 70 12.88 -3.09 -0.73
C ASP D 70 14.17 -3.25 0.09
N GLN D 71 14.57 -4.49 0.34
CA GLN D 71 15.85 -4.71 1.03
C GLN D 71 17.00 -4.12 0.23
N VAL D 72 16.95 -4.29 -1.09
CA VAL D 72 18.00 -3.78 -1.95
C VAL D 72 17.96 -2.26 -1.96
N HIS D 73 16.77 -1.68 -2.06
CA HIS D 73 16.68 -0.24 -2.05
C HIS D 73 17.32 0.34 -0.80
N LEU D 74 16.97 -0.20 0.37
CA LEU D 74 17.54 0.29 1.62
C LEU D 74 19.06 0.16 1.65
N LEU D 75 19.60 -0.99 1.22
CA LEU D 75 21.05 -1.17 1.19
C LEU D 75 21.72 -0.24 0.18
N GLU D 76 21.09 -0.04 -0.98
CA GLU D 76 21.70 0.85 -1.97
C GLU D 76 21.88 2.24 -1.39
N CYS D 77 20.87 2.72 -0.66
CA CYS D 77 20.87 4.04 -0.07
C CYS D 77 21.80 4.15 1.14
N ALA D 78 22.01 3.07 1.91
CA ALA D 78 22.72 3.18 3.17
C ALA D 78 24.15 2.63 3.18
N TRP D 79 24.62 2.03 2.11
CA TRP D 79 25.83 1.20 2.22
C TRP D 79 27.06 2.03 2.64
N LEU D 80 27.24 3.22 2.07
CA LEU D 80 28.43 4.00 2.43
C LEU D 80 28.28 4.63 3.81
N GLU D 81 27.06 5.06 4.16
CA GLU D 81 26.85 5.52 5.53
C GLU D 81 27.19 4.45 6.55
N ILE D 82 26.86 3.19 6.27
CA ILE D 82 27.13 2.09 7.20
C ILE D 82 28.62 1.80 7.26
N LEU D 83 29.33 1.86 6.11
CA LEU D 83 30.79 1.75 6.15
C LEU D 83 31.40 2.86 6.98
N MET D 84 30.93 4.10 6.78
CA MET D 84 31.46 5.27 7.45
C MET D 84 31.27 5.18 8.94
N ILE D 85 30.07 4.77 9.38
CA ILE D 85 29.77 4.75 10.81
C ILE D 85 30.59 3.66 11.48
N GLY D 86 30.82 2.53 10.80
CA GLY D 86 31.72 1.53 11.34
C GLY D 86 33.12 2.09 11.50
N LEU D 87 33.58 2.83 10.49
CA LEU D 87 34.93 3.39 10.52
C LEU D 87 35.09 4.34 11.70
N VAL D 88 34.11 5.23 11.90
CA VAL D 88 34.13 6.21 12.98
C VAL D 88 34.17 5.50 14.33
N TRP D 89 33.36 4.43 14.47
CA TRP D 89 33.34 3.62 15.69
C TRP D 89 34.69 2.97 15.97
N ARG D 90 35.32 2.38 14.94
CA ARG D 90 36.63 1.76 15.06
C ARG D 90 37.71 2.76 15.44
N SER D 91 37.58 4.01 14.99
CA SER D 91 38.62 5.03 15.10
C SER D 91 38.52 5.83 16.40
N MET D 92 37.49 5.55 17.17
CA MET D 92 37.06 6.42 18.24
C MET D 92 38.11 6.60 19.30
N GLU D 93 38.87 5.54 19.59
CA GLU D 93 39.94 5.59 20.57
C GLU D 93 41.31 5.84 19.93
N HIS D 94 41.36 6.48 18.76
CA HIS D 94 42.60 6.88 18.11
C HIS D 94 42.45 8.32 17.66
N PRO D 95 42.38 9.27 18.59
CA PRO D 95 42.16 10.68 18.21
C PRO D 95 43.11 11.12 17.10
N GLY D 96 42.56 11.80 16.10
CA GLY D 96 43.36 12.28 14.98
C GLY D 96 43.64 11.26 13.89
N LYS D 97 43.19 10.04 14.04
CA LYS D 97 43.43 8.89 13.14
C LYS D 97 42.15 8.19 12.76
N LEU D 98 42.20 7.59 11.57
CA LEU D 98 41.11 6.77 11.05
C LEU D 98 41.61 5.34 10.92
N LEU D 99 41.00 4.45 11.68
CA LEU D 99 41.38 3.04 11.72
C LEU D 99 40.57 2.28 10.68
N PHE D 100 41.01 2.37 9.42
CA PHE D 100 40.32 1.65 8.36
C PHE D 100 40.38 0.15 8.61
N ALA D 101 41.52 -0.32 9.07
CA ALA D 101 41.66 -1.67 9.57
C ALA D 101 42.76 -1.66 10.62
N PRO D 102 42.88 -2.73 11.40
CA PRO D 102 43.95 -2.76 12.41
C PRO D 102 45.35 -2.58 11.80
N ASN D 103 45.52 -2.93 10.53
CA ASN D 103 46.81 -2.78 9.86
C ASN D 103 46.74 -1.65 8.84
N LEU D 104 45.85 -0.69 9.05
CA LEU D 104 45.70 0.44 8.16
C LEU D 104 45.12 1.60 8.98
N LEU D 105 45.97 2.17 9.82
CA LEU D 105 45.65 3.30 10.67
C LEU D 105 46.19 4.54 9.95
N LEU D 106 45.32 5.44 9.50
CA LEU D 106 45.78 6.59 8.74
C LEU D 106 45.55 7.90 9.50
N ASP D 107 46.52 8.79 9.42
CA ASP D 107 46.31 10.14 9.94
C ASP D 107 46.01 11.11 8.79
N ARG D 108 45.66 12.33 9.17
CA ARG D 108 45.19 13.37 8.27
C ARG D 108 46.21 13.72 7.21
N ASN D 109 47.49 13.44 7.43
CA ASN D 109 48.46 13.63 6.36
C ASN D 109 48.22 12.67 5.19
N GLN D 110 47.77 11.44 5.47
CA GLN D 110 47.63 10.43 4.43
C GLN D 110 46.29 10.50 3.72
N GLY D 111 45.43 11.44 4.10
CA GLY D 111 44.19 11.69 3.38
C GLY D 111 44.38 12.72 2.28
N MET D 117 39.23 15.40 -0.61
CA MET D 117 39.43 14.15 0.12
C MET D 117 39.73 14.40 1.60
N VAL D 118 40.68 15.28 1.87
CA VAL D 118 40.92 15.60 3.27
C VAL D 118 39.72 16.30 3.91
N GLU D 119 38.90 17.08 3.15
CA GLU D 119 37.65 17.52 3.79
C GLU D 119 36.88 16.33 4.42
N ILE D 120 36.77 15.21 3.70
CA ILE D 120 35.97 14.10 4.19
C ILE D 120 36.69 13.42 5.34
N PHE D 121 38.01 13.43 5.33
CA PHE D 121 38.76 12.80 6.39
C PHE D 121 38.50 13.58 7.68
N ASP D 122 38.51 14.92 7.57
CA ASP D 122 38.22 15.79 8.70
C ASP D 122 36.80 15.62 9.21
N MET D 123 35.82 15.54 8.31
CA MET D 123 34.46 15.23 8.73
C MET D 123 34.39 13.92 9.50
N LEU D 124 35.04 12.87 9.01
CA LEU D 124 35.04 11.60 9.74
C LEU D 124 35.68 11.76 11.10
N LEU D 125 36.83 12.46 11.18
CA LEU D 125 37.49 12.69 12.45
C LEU D 125 36.58 13.44 13.42
N ALA D 126 35.77 14.37 12.91
CA ALA D 126 34.90 15.14 13.78
C ALA D 126 33.80 14.28 14.36
N THR D 127 33.34 13.28 13.60
CA THR D 127 32.31 12.37 14.06
C THR D 127 32.85 11.45 15.14
N SER D 128 34.08 10.96 14.95
CA SER D 128 34.76 10.19 15.99
C SER D 128 34.93 11.01 17.26
N SER D 129 35.38 12.28 17.15
CA SER D 129 35.53 13.12 18.33
C SER D 129 34.19 13.33 19.03
N ARG D 130 33.12 13.52 18.25
CA ARG D 130 31.78 13.64 18.82
C ARG D 130 31.34 12.35 19.52
N PHE D 131 31.61 11.18 18.90
CA PHE D 131 31.27 9.93 19.57
C PHE D 131 32.08 9.79 20.88
N ARG D 132 33.39 10.13 20.83
CA ARG D 132 34.20 10.07 22.05
C ARG D 132 33.68 11.05 23.09
N MET D 133 33.43 12.30 22.68
CA MET D 133 32.81 13.29 23.54
C MET D 133 31.59 12.72 24.28
N MET D 134 30.69 12.06 23.56
CA MET D 134 29.46 11.55 24.14
C MET D 134 29.61 10.21 24.82
N ASN D 135 30.79 9.59 24.82
CA ASN D 135 30.94 8.26 25.43
C ASN D 135 29.97 7.27 24.79
N LEU D 136 29.86 7.33 23.48
CA LEU D 136 28.99 6.40 22.77
C LEU D 136 29.32 4.97 23.13
N GLN D 137 28.29 4.20 23.48
CA GLN D 137 28.46 2.82 23.91
C GLN D 137 28.16 1.84 22.76
N GLY D 138 28.73 0.64 22.87
CA GLY D 138 28.56 -0.35 21.82
C GLY D 138 27.10 -0.66 21.53
N GLU D 139 26.29 -0.83 22.58
CA GLU D 139 24.86 -1.08 22.37
C GLU D 139 24.16 0.07 21.63
N GLU D 140 24.56 1.31 21.90
CA GLU D 140 24.01 2.43 21.18
C GLU D 140 24.46 2.44 19.72
N PHE D 141 25.74 2.12 19.47
CA PHE D 141 26.29 2.12 18.11
C PHE D 141 25.50 1.18 17.21
N VAL D 142 25.25 -0.07 17.66
CA VAL D 142 24.59 -1.05 16.80
C VAL D 142 23.16 -0.57 16.51
N CYS D 143 22.51 0.07 17.48
CA CYS D 143 21.20 0.65 17.23
C CYS D 143 21.26 1.72 16.15
N LEU D 144 22.28 2.60 16.19
CA LEU D 144 22.40 3.67 15.20
C LEU D 144 22.65 3.15 13.80
N LYS D 145 23.52 2.13 13.68
CA LYS D 145 23.78 1.51 12.39
C LYS D 145 22.52 0.86 11.81
N SER D 146 21.70 0.27 12.67
CA SER D 146 20.42 -0.29 12.25
C SER D 146 19.43 0.77 11.83
N ILE D 147 19.41 1.90 12.52
CA ILE D 147 18.57 3.01 12.14
C ILE D 147 18.96 3.53 10.75
N ILE D 148 20.25 3.64 10.47
CA ILE D 148 20.73 4.07 9.15
C ILE D 148 20.21 3.14 8.07
N LEU D 149 20.25 1.83 8.35
CA LEU D 149 19.87 0.85 7.34
C LEU D 149 18.42 1.05 6.95
N LEU D 150 17.54 1.18 7.96
CA LEU D 150 16.10 1.24 7.77
C LEU D 150 15.63 2.63 7.35
N ASN D 151 16.33 3.68 7.76
CA ASN D 151 15.81 5.02 7.51
C ASN D 151 16.32 5.68 6.23
N SER D 152 17.52 5.37 5.78
CA SER D 152 18.12 6.18 4.73
C SER D 152 17.31 6.13 3.44
N GLY D 153 16.78 4.96 3.09
CA GLY D 153 16.09 4.77 1.84
C GLY D 153 14.58 4.82 1.95
N VAL D 154 14.02 5.05 3.15
CA VAL D 154 12.59 4.77 3.34
C VAL D 154 11.70 5.84 2.72
N TYR D 155 12.26 7.00 2.41
CA TYR D 155 11.52 8.10 1.84
C TYR D 155 11.63 8.17 0.33
N THR D 156 12.36 7.24 -0.30
CA THR D 156 12.55 7.21 -1.75
C THR D 156 12.10 5.89 -2.38
N PHE D 157 11.26 5.12 -1.70
CA PHE D 157 10.64 3.96 -2.35
C PHE D 157 9.84 4.41 -3.57
N LEU D 158 10.01 3.70 -4.68
CA LEU D 158 9.44 4.15 -5.95
C LEU D 158 7.91 4.01 -5.97
N SER D 159 7.38 3.07 -5.21
CA SER D 159 6.07 2.51 -5.50
C SER D 159 4.95 3.26 -4.79
N SER D 160 3.73 3.01 -5.29
CA SER D 160 2.50 3.54 -4.74
C SER D 160 1.56 2.45 -4.27
N THR D 161 1.92 1.19 -4.47
CA THR D 161 1.03 0.06 -4.25
C THR D 161 0.68 -0.10 -2.77
N LEU D 162 -0.32 -0.92 -2.52
CA LEU D 162 -0.67 -1.27 -1.14
C LEU D 162 0.56 -1.81 -0.42
N LYS D 163 1.28 -2.74 -1.05
CA LYS D 163 2.44 -3.38 -0.43
C LYS D 163 3.50 -2.36 -0.05
N SER D 164 3.75 -1.39 -0.93
CA SER D 164 4.75 -0.37 -0.63
C SER D 164 4.39 0.40 0.62
N LEU D 165 3.11 0.76 0.76
CA LEU D 165 2.64 1.45 1.96
C LEU D 165 2.81 0.58 3.19
N GLU D 166 2.50 -0.73 3.04
CA GLU D 166 2.70 -1.70 4.11
C GLU D 166 4.16 -1.80 4.51
N GLU D 167 5.05 -1.82 3.52
CA GLU D 167 6.47 -1.93 3.79
C GLU D 167 6.98 -0.70 4.55
N LYS D 168 6.64 0.51 4.07
CA LYS D 168 7.04 1.74 4.75
C LYS D 168 6.49 1.77 6.16
N ASP D 169 5.25 1.32 6.34
CA ASP D 169 4.68 1.29 7.68
C ASP D 169 5.47 0.34 8.58
N HIS D 170 5.83 -0.84 8.07
CA HIS D 170 6.63 -1.80 8.84
C HIS D 170 7.97 -1.20 9.28
N ILE D 171 8.65 -0.54 8.33
CA ILE D 171 9.94 0.07 8.61
C ILE D 171 9.81 1.11 9.72
N HIS D 172 8.78 1.96 9.67
CA HIS D 172 8.62 2.93 10.75
C HIS D 172 8.30 2.26 12.09
N ARG D 173 7.53 1.16 12.13
CA ARG D 173 7.30 0.55 13.44
C ARG D 173 8.60 -0.07 13.97
N VAL D 174 9.44 -0.64 13.08
CA VAL D 174 10.70 -1.19 13.55
C VAL D 174 11.61 -0.08 14.05
N LEU D 175 11.66 1.04 13.30
CA LEU D 175 12.39 2.21 13.77
C LEU D 175 11.90 2.67 15.16
N ASP D 176 10.59 2.64 15.38
CA ASP D 176 10.05 2.99 16.70
C ASP D 176 10.56 2.04 17.78
N LYS D 177 10.69 0.73 17.43
CA LYS D 177 11.22 -0.25 18.36
C LYS D 177 12.68 0.05 18.68
N ILE D 178 13.46 0.48 17.68
CA ILE D 178 14.85 0.83 17.96
C ILE D 178 14.93 2.08 18.82
N THR D 179 14.02 3.03 18.60
CA THR D 179 13.95 4.18 19.49
C THR D 179 13.70 3.75 20.94
N ASP D 180 12.64 2.97 21.17
CA ASP D 180 12.38 2.42 22.49
C ASP D 180 13.63 1.76 23.07
N THR D 181 14.34 0.98 22.25
CA THR D 181 15.54 0.28 22.73
C THR D 181 16.60 1.26 23.22
N LEU D 182 16.86 2.32 22.44
CA LEU D 182 17.84 3.33 22.84
C LEU D 182 17.46 3.99 24.15
N ILE D 183 16.19 4.39 24.30
CA ILE D 183 15.73 4.98 25.56
C ILE D 183 15.88 3.99 26.72
N HIS D 184 15.52 2.73 26.51
CA HIS D 184 15.65 1.74 27.58
C HIS D 184 17.10 1.64 28.04
N LEU D 185 18.04 1.53 27.09
CA LEU D 185 19.45 1.43 27.42
C LEU D 185 19.87 2.60 28.29
N MET D 186 19.50 3.81 27.88
CA MET D 186 19.82 5.02 28.63
C MET D 186 19.21 4.97 30.02
N ALA D 187 17.95 4.54 30.13
CA ALA D 187 17.27 4.54 31.42
C ALA D 187 17.95 3.56 32.38
N LYS D 188 18.27 2.38 31.85
CA LYS D 188 19.27 1.52 32.50
C LYS D 188 20.62 2.12 32.87
N ALA D 189 21.23 2.92 32.05
CA ALA D 189 22.46 3.53 32.50
C ALA D 189 22.24 4.56 33.60
N GLY D 190 20.99 4.83 34.00
CA GLY D 190 20.72 5.80 35.03
C GLY D 190 20.48 7.21 34.56
N LEU D 191 20.25 7.42 33.26
CA LEU D 191 19.94 8.76 32.78
C LEU D 191 18.53 9.17 33.19
N THR D 192 18.38 10.42 33.62
CA THR D 192 17.06 10.97 33.90
C THR D 192 16.23 11.06 32.62
N LEU D 193 14.92 11.27 32.79
CA LEU D 193 14.05 11.31 31.62
C LEU D 193 14.49 12.42 30.69
N GLN D 194 14.91 13.55 31.24
CA GLN D 194 15.36 14.64 30.40
C GLN D 194 16.62 14.27 29.68
N GLN D 195 17.58 13.67 30.38
CA GLN D 195 18.82 13.26 29.76
C GLN D 195 18.60 12.25 28.64
N GLN D 196 17.59 11.38 28.78
CA GLN D 196 17.34 10.37 27.77
C GLN D 196 16.93 11.02 26.45
N HIS D 197 15.97 11.96 26.49
CA HIS D 197 15.52 12.49 25.21
C HIS D 197 16.57 13.42 24.61
N GLN D 198 17.35 14.11 25.44
CA GLN D 198 18.43 14.93 24.90
C GLN D 198 19.45 14.05 24.18
N ARG D 199 19.86 12.94 24.81
CA ARG D 199 20.87 12.09 24.17
C ARG D 199 20.30 11.38 22.95
N LEU D 200 19.03 10.93 23.00
CA LEU D 200 18.39 10.40 21.79
C LEU D 200 18.50 11.39 20.63
N ALA D 201 18.20 12.67 20.90
CA ALA D 201 18.25 13.68 19.85
C ALA D 201 19.68 13.91 19.38
N GLN D 202 20.63 13.93 20.31
CA GLN D 202 22.03 14.13 19.94
C GLN D 202 22.53 13.01 19.04
N LEU D 203 22.15 11.78 19.33
CA LEU D 203 22.55 10.66 18.49
C LEU D 203 21.94 10.77 17.09
N LEU D 204 20.62 10.98 17.01
CA LEU D 204 19.92 11.00 15.72
C LEU D 204 20.40 12.18 14.88
N LEU D 205 20.77 13.29 15.51
CA LEU D 205 21.24 14.44 14.75
C LEU D 205 22.60 14.19 14.13
N ILE D 206 23.43 13.34 14.75
CA ILE D 206 24.68 12.98 14.08
C ILE D 206 24.40 12.20 12.80
N LEU D 207 23.26 11.52 12.72
CA LEU D 207 22.95 10.81 11.50
C LEU D 207 22.79 11.75 10.29
N SER D 208 22.34 13.02 10.47
CA SER D 208 22.35 13.97 9.35
C SER D 208 23.78 14.24 8.89
N HIS D 209 24.77 14.25 9.80
CA HIS D 209 26.15 14.47 9.35
C HIS D 209 26.72 13.28 8.63
N ILE D 210 26.33 12.07 9.05
CA ILE D 210 26.77 10.85 8.35
C ILE D 210 26.20 10.81 6.94
N ARG D 211 24.94 11.22 6.77
CA ARG D 211 24.38 11.30 5.43
C ARG D 211 25.18 12.26 4.58
N HIS D 212 25.52 13.43 5.14
CA HIS D 212 26.28 14.46 4.44
C HIS D 212 27.63 13.91 3.98
N MET D 213 28.33 13.23 4.89
CA MET D 213 29.62 12.58 4.57
C MET D 213 29.45 11.50 3.47
N SER D 214 28.41 10.66 3.57
CA SER D 214 28.12 9.71 2.51
C SER D 214 27.93 10.41 1.17
N ASN D 215 27.16 11.48 1.12
CA ASN D 215 26.91 12.13 -0.16
C ASN D 215 28.19 12.72 -0.70
N LYS D 216 29.01 13.31 0.15
CA LYS D 216 30.25 13.88 -0.38
C LYS D 216 31.24 12.80 -0.80
N GLY D 217 31.21 11.64 -0.15
CA GLY D 217 32.07 10.54 -0.54
C GLY D 217 31.66 9.94 -1.86
N MET D 218 30.35 9.82 -2.07
CA MET D 218 29.82 9.43 -3.38
C MET D 218 30.36 10.36 -4.47
N GLU D 219 30.23 11.65 -4.27
CA GLU D 219 30.62 12.54 -5.35
C GLU D 219 32.15 12.66 -5.53
N HIS D 220 32.96 12.20 -4.58
CA HIS D 220 34.35 11.97 -4.95
C HIS D 220 34.63 10.55 -5.43
N LEU D 221 33.73 9.59 -5.18
CA LEU D 221 33.76 8.31 -5.87
C LEU D 221 33.29 8.45 -7.32
N TYR D 222 33.30 9.68 -7.82
CA TYR D 222 32.84 9.95 -9.18
C TYR D 222 33.93 10.71 -9.96
N LYS D 225 37.25 9.13 -10.62
CA LYS D 225 36.55 8.38 -11.67
C LYS D 225 36.40 6.90 -11.26
N CYS D 226 35.75 6.71 -10.13
CA CYS D 226 35.50 5.41 -9.53
C CYS D 226 34.01 5.08 -9.45
N LYS D 227 33.23 5.56 -10.44
CA LYS D 227 31.79 5.32 -10.42
C LYS D 227 31.47 3.83 -10.44
N ASN D 228 32.38 3.00 -10.93
CA ASN D 228 32.08 1.59 -11.11
C ASN D 228 32.08 0.81 -9.82
N VAL D 229 32.68 1.35 -8.74
CA VAL D 229 32.71 0.61 -7.48
C VAL D 229 31.43 0.73 -6.67
N VAL D 230 30.53 1.63 -7.03
CA VAL D 230 29.37 1.74 -6.16
C VAL D 230 28.50 0.52 -6.42
N PRO D 231 28.09 -0.24 -5.40
CA PRO D 231 27.28 -1.44 -5.68
C PRO D 231 25.98 -1.06 -6.41
N SER D 232 25.68 -1.79 -7.48
CA SER D 232 24.46 -1.53 -8.22
C SER D 232 23.28 -2.23 -7.56
N TYR D 233 22.08 -1.83 -7.99
CA TYR D 233 20.86 -2.50 -7.54
C TYR D 233 20.92 -3.99 -7.85
N ASP D 234 21.30 -4.35 -9.08
CA ASP D 234 21.33 -5.76 -9.46
C ASP D 234 22.42 -6.52 -8.70
N LEU D 235 23.56 -5.87 -8.42
CA LEU D 235 24.61 -6.54 -7.64
C LEU D 235 24.11 -6.84 -6.23
N LEU D 236 23.46 -5.88 -5.61
CA LEU D 236 22.92 -6.08 -4.27
C LEU D 236 21.83 -7.15 -4.28
N LEU D 237 21.00 -7.15 -5.32
CA LEU D 237 19.92 -8.13 -5.39
C LEU D 237 20.49 -9.54 -5.46
N GLU D 238 21.50 -9.75 -6.33
CA GLU D 238 22.11 -11.07 -6.42
C GLU D 238 22.78 -11.45 -5.09
N MET D 239 23.48 -10.51 -4.46
CA MET D 239 24.14 -10.80 -3.18
C MET D 239 23.11 -11.18 -2.13
N LEU D 240 21.96 -10.53 -2.18
CA LEU D 240 20.92 -10.70 -1.19
C LEU D 240 20.23 -12.03 -1.41
N ASP D 241 20.03 -12.43 -2.66
CA ASP D 241 19.49 -13.76 -2.94
C ASP D 241 20.48 -14.82 -2.48
C10 A1AHV E . -12.32 -26.20 1.72
C13 A1AHV E . -12.60 -28.23 2.96
C15 A1AHV E . -12.53 -28.64 -2.01
C17 A1AHV E . -13.38 -30.20 -3.12
C20 A1AHV E . -16.66 -31.35 -4.46
C21 A1AHV E . -16.90 -32.83 -4.68
C22 A1AHV E . -16.17 -33.17 -5.99
C24 A1AHV E . -14.51 -32.16 -7.45
C26 A1AHV E . -15.46 -34.35 -7.97
C02 A1AHV E . -17.13 -32.33 1.02
C03 A1AHV E . -16.25 -32.99 0.21
C04 A1AHV E . -15.31 -32.27 -0.48
C05 A1AHV E . -15.25 -30.91 -0.30
C06 A1AHV E . -14.20 -30.20 -1.08
C07 A1AHV E . -13.08 -28.98 -0.66
C08 A1AHV E . -12.87 -28.22 0.62
C09 A1AHV E . -12.61 -26.88 0.56
C11 A1AHV E . -12.30 -26.87 2.92
C14 A1AHV E . -12.88 -28.91 1.81
C16 A1AHV E . -12.29 -29.57 -2.78
C23 A1AHV E . -15.32 -32.11 -6.30
C25 A1AHV E . -14.59 -33.28 -8.28
C27 A1AHV E . -16.24 -34.30 -6.83
C30 A1AHV E . -14.42 -29.77 -2.44
C32 A1AHV E . -16.15 -30.23 0.49
C33 A1AHV E . -17.09 -30.96 1.16
N19 A1AHV E . -15.44 -31.09 -5.22
O01 A1AHV E . -18.09 -33.05 1.69
O12 A1AHV E . -12.03 -26.18 4.10
O28 A1AHV E . -13.32 -29.59 -5.97
O29 A1AHV E . -15.21 -28.58 -4.95
O31 A1AHV E . -14.01 -28.24 -2.67
S18 A1AHV E . -14.38 -29.81 -4.95
H101 A1AHV E . -12.12 -25.29 1.70
H131 A1AHV E . -12.59 -28.68 3.77
H151 A1AHV E . -11.81 -27.98 -2.00
H171 A1AHV E . -12.99 -31.09 -3.07
H202 A1AHV E . -17.40 -30.83 -4.82
H201 A1AHV E . -16.51 -31.18 -3.52
H211 A1AHV E . -17.85 -32.99 -4.80
H212 A1AHV E . -16.52 -33.34 -3.95
H241 A1AHV E . -13.94 -31.45 -7.65
H261 A1AHV E . -15.51 -35.09 -8.54
H031 A1AHV E . -16.29 -33.91 0.13
H041 A1AHV E . -14.72 -32.70 -1.06
H091 A1AHV E . -12.62 -26.43 -0.25
H141 A1AHV E . -13.09 -29.82 1.82
H161 A1AHV E . -11.69 -30.19 -2.34
H162 A1AHV E . -11.85 -29.23 -3.57
H251 A1AHV E . -14.07 -33.32 -9.04
H271 A1AHV E . -16.82 -35.00 -6.62
H301 A1AHV E . -15.35 -29.88 -2.72
H321 A1AHV E . -16.12 -29.30 0.55
H331 A1AHV E . -17.70 -30.52 1.72
H011 A1AHV E . -18.72 -32.53 1.95
H121 A1AHV E . -12.77 -26.07 4.54
C10 A1AHV F . -31.79 -14.37 -21.99
C13 A1AHV F . -32.12 -15.61 -24.00
C15 A1AHV F . -32.05 -18.27 -19.72
C17 A1AHV F . -33.01 -20.11 -20.09
C20 A1AHV F . -35.04 -20.45 -16.86
C21 A1AHV F . -36.45 -19.94 -17.08
C22 A1AHV F . -36.90 -20.62 -18.37
C24 A1AHV F . -36.08 -22.14 -20.05
C26 A1AHV F . -38.33 -21.25 -20.24
C02 A1AHV F . -30.65 -21.33 -25.58
C03 A1AHV F . -29.70 -20.56 -24.92
C04 A1AHV F . -30.01 -19.99 -23.69
C05 A1AHV F . -31.27 -20.17 -23.16
C06 A1AHV F . -31.61 -19.59 -21.80
C07 A1AHV F . -31.58 -18.01 -21.12
C08 A1AHV F . -31.78 -16.74 -21.92
C09 A1AHV F . -31.66 -15.53 -21.28
C11 A1AHV F . -32.01 -14.42 -23.33
C14 A1AHV F . -31.99 -16.80 -23.29
C16 A1AHV F . -33.14 -18.89 -19.62
C23 A1AHV F . -35.89 -21.43 -18.87
C25 A1AHV F . -37.29 -22.06 -20.74
C27 A1AHV F . -38.15 -20.53 -19.05
C30 A1AHV F . -31.79 -20.34 -20.54
C32 A1AHV F . -32.22 -20.94 -23.81
C33 A1AHV F . -31.89 -21.52 -25.02
N19 A1AHV F . -34.71 -21.35 -17.97
O01 A1AHV F . -30.35 -21.89 -26.81
O12 A1AHV F . -32.11 -13.23 -24.00
O28 A1AHV F . -32.13 -21.30 -17.55
O29 A1AHV F . -32.78 -22.83 -19.23
O31 A1AHV F . -31.05 -19.54 -19.40
S18 A1AHV F . -33.14 -21.57 -18.58
H101 A1AHV F . -31.73 -13.55 -21.56
H131 A1AHV F . -32.29 -15.63 -24.93
H151 A1AHV F . -32.00 -17.50 -19.12
H171 A1AHV F . -33.73 -20.17 -20.74
H202 A1AHV F . -34.43 -19.70 -16.88
H201 A1AHV F . -35.01 -20.96 -16.03
H211 A1AHV F . -36.43 -18.98 -17.19
H212 A1AHV F . -37.01 -20.22 -16.34
H241 A1AHV F . -35.39 -22.67 -20.39
H261 A1AHV F . -39.14 -21.20 -20.69
H031 A1AHV F . -28.86 -20.43 -25.29
H041 A1AHV F . -29.37 -19.50 -23.24
H091 A1AHV F . -31.49 -15.49 -20.37
H141 A1AHV F . -32.04 -17.62 -23.73
H161 A1AHV F . -33.40 -18.93 -18.68
H162 A1AHV F . -33.82 -18.41 -20.12
H251 A1AHV F . -37.42 -22.53 -21.53
H271 A1AHV F . -38.83 -20.00 -18.72
H301 A1AHV F . -31.46 -21.25 -20.58
H321 A1AHV F . -33.05 -21.07 -23.42
H331 A1AHV F . -32.52 -22.04 -25.46
H011 A1AHV F . -30.12 -21.28 -27.37
H121 A1AHV F . -31.35 -12.88 -24.14
C10 A1AHV G . 12.64 26.38 -1.65
C13 A1AHV G . 13.01 28.26 -3.08
C15 A1AHV G . 13.81 23.76 -5.15
C17 A1AHV G . 15.12 23.41 -6.75
C20 A1AHV G . 18.73 23.05 -7.52
C21 A1AHV G . 19.34 23.46 -8.83
C22 A1AHV G . 18.93 22.34 -9.79
C24 A1AHV G . 17.35 20.51 -9.88
C26 A1AHV G . 18.85 20.90 -11.74
C02 A1AHV G . 18.20 28.36 -6.81
C03 A1AHV G . 17.48 27.71 -7.81
C04 A1AHV G . 16.62 26.70 -7.44
C05 A1AHV G . 16.49 26.42 -6.11
C06 A1AHV G . 15.61 25.32 -5.66
C07 A1AHV G . 14.13 25.19 -4.89
C08 A1AHV G . 13.61 26.06 -3.78
C09 A1AHV G . 13.16 25.54 -2.59
C11 A1AHV G . 12.55 27.73 -1.90
C14 A1AHV G . 13.56 27.43 -4.03
C16 A1AHV G . 13.91 23.36 -6.31
C23 A1AHV G . 17.91 21.61 -9.22
C25 A1AHV G . 17.81 20.16 -11.14
C27 A1AHV G . 19.41 22.00 -11.07
C30 A1AHV G . 15.92 23.92 -5.85
C32 A1AHV G . 17.21 27.03 -5.12
C33 A1AHV G . 18.07 28.02 -5.49
N19 A1AHV G . 17.61 22.20 -7.91
O01 A1AHV G . 19.11 29.36 -7.11
O12 A1AHV G . 12.01 28.56 -0.94
O28 A1AHV G . 15.57 20.53 -7.24
O29 A1AHV G . 17.02 21.37 -5.57
O31 A1AHV G . 15.26 23.13 -4.64
S18 A1AHV G . 16.38 21.70 -6.85
H101 A1AHV G . 12.33 26.04 -0.84
H131 A1AHV G . 12.95 29.18 -3.24
H151 A1AHV G . 13.00 23.45 -4.72
H171 A1AHV G . 14.90 23.79 -7.62
H202 A1AHV G . 19.37 22.53 -7.01
H201 A1AHV G . 18.40 23.82 -7.04
H211 A1AHV G . 20.30 23.49 -8.76
H212 A1AHV G . 18.95 24.30 -9.13
H241 A1AHV G . 16.68 20.01 -9.47
H261 A1AHV G . 19.16 20.66 -12.58
H031 A1AHV G . 17.58 27.97 -8.70
H041 A1AHV G . 16.15 26.22 -8.09
H091 A1AHV G . 13.21 24.63 -2.45
H141 A1AHV G . 13.88 27.77 -4.82
H161 A1AHV G . 13.35 23.93 -6.87
H162 A1AHV G . 13.59 22.45 -6.37
H251 A1AHV G . 17.43 19.44 -11.59
H271 A1AHV G . 20.10 22.48 -11.47
H301 A1AHV G . 16.88 23.74 -5.90
H321 A1AHV G . 17.12 26.78 -4.23
H331 A1AHV G . 18.58 28.47 -4.85
H011 A1AHV G . 19.17 29.88 -6.44
H121 A1AHV G . 12.03 28.15 -0.18
C10 A1AHV H . 34.83 2.81 5.56
C13 A1AHV H . 35.94 1.28 4.09
C15 A1AHV H . 36.38 6.12 3.04
C17 A1AHV H . 36.45 6.81 1.09
C20 A1AHV H . 35.61 7.67 -1.86
C21 A1AHV H . 36.45 7.45 -3.09
C22 A1AHV H . 37.20 8.76 -3.29
C24 A1AHV H . 37.77 10.75 -2.03
C26 A1AHV H . 38.49 10.50 -4.34
C02 A1AHV H . 35.51 2.14 -2.04
C03 A1AHV H . 36.62 2.92 -1.79
C04 A1AHV H . 36.58 3.82 -0.73
C05 A1AHV H . 35.42 3.92 0.02
C06 A1AHV H . 35.22 4.87 1.21
C07 A1AHV H . 36.21 4.70 2.60
C08 A1AHV H . 35.84 3.60 3.57
C09 A1AHV H . 35.12 3.86 4.74
C11 A1AHV H . 35.25 1.55 5.25
C14 A1AHV H . 36.24 2.31 3.24
C16 A1AHV H . 37.06 6.77 2.24
C23 A1AHV H . 37.15 9.49 -2.09
C25 A1AHV H . 38.45 11.24 -3.15
C27 A1AHV H . 37.87 9.25 -4.42
C30 A1AHV H . 35.22 6.36 1.12
C32 A1AHV H . 34.32 3.14 -0.26
C33 A1AHV H . 34.37 2.25 -1.29
N19 A1AHV H . 36.34 8.67 -1.15
O01 A1AHV H . 35.49 1.20 -3.08
O12 A1AHV H . 35.01 0.52 6.11
O28 A1AHV H . 37.14 9.71 1.17
O29 A1AHV H . 34.87 9.26 0.94
O31 A1AHV H . 34.93 6.75 2.61
S18 A1AHV H . 36.19 8.81 0.48
H101 A1AHV H . 34.33 2.96 6.34
H131 A1AHV H . 36.21 0.42 3.89
H151 A1AHV H . 36.60 6.25 3.97
H171 A1AHV H . 37.00 6.27 0.50
H202 A1AHV H . 34.74 8.00 -2.11
H201 A1AHV H . 35.58 6.85 -1.34
H211 A1AHV H . 35.88 7.29 -3.85
H212 A1AHV H . 37.09 6.74 -2.92
H241 A1AHV H . 37.73 11.25 -1.24
H261 A1AHV H . 38.92 10.84 -5.09
H031 A1AHV H . 37.39 2.85 -2.32
H041 A1AHV H . 37.34 4.33 -0.51
H091 A1AHV H . 34.85 4.72 4.96
H141 A1AHV H . 36.70 2.15 2.45
H161 A1AHV H . 37.93 6.35 2.14
H162 A1AHV H . 37.18 7.67 2.57
H251 A1AHV H . 38.88 12.07 -3.10
H271 A1AHV H . 37.89 8.76 -5.21
H301 A1AHV H . 34.59 6.74 0.50
H321 A1AHV H . 33.56 3.22 0.26
H331 A1AHV H . 33.63 1.72 -1.47
H011 A1AHV H . 34.70 0.89 -3.11
H121 A1AHV H . 34.15 0.38 6.14
#